data_6O1W
#
_entry.id   6O1W
#
_cell.length_a   53.170
_cell.length_b   101.830
_cell.length_c   140.040
_cell.angle_alpha   90.000
_cell.angle_beta   90.000
_cell.angle_gamma   90.000
#
_symmetry.space_group_name_H-M   'P 21 21 21'
#
loop_
_entity.id
_entity.type
_entity.pdbx_description
1 polymer 'DNA translocase coupling protein'
2 non-polymer beta-D-glucopyranose
3 water water
#
_entity_poly.entity_id   1
_entity_poly.type   'polypeptide(L)'
_entity_poly.pdbx_seq_one_letter_code
;SKNKEDKRNAEYRLAFEQLNFVGADSKTPILKSFIEDKGTRIDEITFES(MSE)IPIETWKSYIPQLQTSLNISIISIEQ
GASKRIVIIKS(MSE)AGDAKIPKYLPWDDKYIEEQEGVVVVGQTFSGNIKIDLNKSPHILSAGETGSGKSVILRCILWQ
LLKQGAIAY(MSE)VDFKGGVEFGLEYEKVGQVITEVDAAEKLFKYLVDENAKRLKLLRESGSKNIGEYNKKFEGEELKR
IIVVIDELAEL(MSE)DKTGVDDETRAKLVRIEGYTSTLARLSRATGINLCIGVQRPDAKVITGQIKNNVPVRICGRFAD
SKASEIVLSNTKAKDLPEVKGRFLFKLGADTVQFQAFYFDDDKHFIPNKILKLR
;
_entity_poly.pdbx_strand_id   A,B
#
# COMPACT_ATOMS: atom_id res chain seq x y z
N ASP A 6 -18.05 -33.69 25.98
CA ASP A 6 -17.04 -32.79 25.46
C ASP A 6 -17.63 -31.81 24.43
N LYS A 7 -17.30 -30.51 24.59
CA LYS A 7 -17.78 -29.40 23.76
C LYS A 7 -17.54 -29.63 22.27
N ARG A 8 -16.26 -29.82 21.89
CA ARG A 8 -15.81 -30.03 20.52
C ARG A 8 -16.52 -31.19 19.80
N ASN A 9 -16.61 -32.38 20.44
CA ASN A 9 -17.31 -33.53 19.86
C ASN A 9 -18.79 -33.23 19.66
N ALA A 10 -19.43 -32.59 20.64
CA ALA A 10 -20.85 -32.21 20.57
C ALA A 10 -21.07 -31.20 19.45
N GLU A 11 -20.14 -30.23 19.31
CA GLU A 11 -20.17 -29.19 18.29
C GLU A 11 -19.99 -29.79 16.90
N TYR A 12 -19.03 -30.71 16.71
CA TYR A 12 -18.81 -31.34 15.39
C TYR A 12 -19.98 -32.19 14.99
N ARG A 13 -20.49 -32.99 15.94
CA ARG A 13 -21.62 -33.88 15.69
C ARG A 13 -22.83 -33.10 15.15
N LEU A 14 -23.21 -32.03 15.84
CA LEU A 14 -24.31 -31.15 15.47
C LEU A 14 -24.08 -30.53 14.07
N ALA A 15 -22.87 -30.06 13.81
CA ALA A 15 -22.52 -29.46 12.53
C ALA A 15 -22.70 -30.47 11.39
N PHE A 16 -22.19 -31.71 11.58
CA PHE A 16 -22.28 -32.74 10.53
C PHE A 16 -23.72 -33.22 10.27
N GLU A 17 -24.51 -33.38 11.33
CA GLU A 17 -25.91 -33.79 11.28
C GLU A 17 -26.79 -32.73 10.57
N GLN A 18 -26.56 -31.43 10.83
CA GLN A 18 -27.27 -30.31 10.13
C GLN A 18 -27.03 -30.41 8.58
N LEU A 19 -25.86 -30.96 8.18
CA LEU A 19 -25.51 -31.14 6.76
C LEU A 19 -25.89 -32.51 6.22
N ASN A 20 -26.33 -33.42 7.09
CA ASN A 20 -26.53 -34.85 6.77
C ASN A 20 -25.25 -35.37 6.09
N PHE A 21 -24.09 -35.00 6.67
CA PHE A 21 -22.79 -35.36 6.15
C PHE A 21 -22.41 -36.72 6.74
N VAL A 22 -22.98 -37.78 6.16
CA VAL A 22 -22.82 -39.19 6.62
C VAL A 22 -22.29 -40.10 5.52
N GLY A 23 -21.53 -41.14 5.89
CA GLY A 23 -21.01 -42.14 4.96
C GLY A 23 -22.04 -43.21 4.64
N ALA A 24 -21.65 -44.27 3.89
CA ALA A 24 -22.55 -45.39 3.54
C ALA A 24 -23.13 -46.11 4.77
N ASP A 25 -22.37 -46.11 5.89
CA ASP A 25 -22.75 -46.68 7.19
C ASP A 25 -23.71 -45.76 7.99
N SER A 26 -24.09 -44.59 7.41
CA SER A 26 -24.96 -43.56 7.98
C SER A 26 -24.35 -42.85 9.22
N LYS A 27 -23.02 -42.90 9.38
CA LYS A 27 -22.39 -42.22 10.51
C LYS A 27 -21.77 -40.91 10.09
N THR A 28 -21.82 -39.91 10.98
CA THR A 28 -21.19 -38.62 10.76
C THR A 28 -19.70 -38.84 11.10
N PRO A 29 -18.76 -38.02 10.59
CA PRO A 29 -17.34 -38.24 10.88
C PRO A 29 -17.02 -38.29 12.37
N ILE A 30 -16.04 -39.15 12.71
CA ILE A 30 -15.57 -39.38 14.07
C ILE A 30 -14.29 -38.58 14.28
N LEU A 31 -14.26 -37.70 15.31
CA LEU A 31 -13.05 -36.98 15.69
C LEU A 31 -12.05 -37.97 16.29
N LYS A 32 -10.88 -38.14 15.64
CA LYS A 32 -9.82 -39.03 16.09
C LYS A 32 -8.83 -38.24 16.93
N SER A 33 -8.52 -37.00 16.49
CA SER A 33 -7.58 -36.11 17.18
C SER A 33 -7.66 -34.68 16.70
N PHE A 34 -7.40 -33.75 17.63
CA PHE A 34 -7.35 -32.33 17.40
C PHE A 34 -6.01 -31.88 18.01
N ILE A 35 -5.01 -31.55 17.16
CA ILE A 35 -3.66 -31.12 17.57
C ILE A 35 -3.47 -29.66 17.17
N GLU A 36 -3.45 -28.77 18.15
CA GLU A 36 -3.28 -27.34 17.97
C GLU A 36 -1.79 -26.95 18.05
N ASP A 37 -1.32 -26.06 17.17
CA ASP A 37 0.07 -25.53 17.29
C ASP A 37 -0.12 -24.17 17.95
N LYS A 38 0.30 -24.04 19.20
CA LYS A 38 0.10 -22.84 20.03
C LYS A 38 0.77 -21.57 19.50
N GLY A 39 1.91 -21.69 18.84
CA GLY A 39 2.60 -20.53 18.27
C GLY A 39 2.04 -20.09 16.93
N THR A 40 1.82 -21.04 16.00
CA THR A 40 1.29 -20.72 14.66
C THR A 40 -0.22 -20.60 14.60
N ARG A 41 -0.93 -21.21 15.58
CA ARG A 41 -2.39 -21.27 15.67
C ARG A 41 -2.99 -22.07 14.50
N ILE A 42 -2.22 -23.02 13.98
CA ILE A 42 -2.66 -23.93 12.91
C ILE A 42 -2.95 -25.25 13.61
N ASP A 43 -4.14 -25.82 13.35
CA ASP A 43 -4.66 -27.06 13.92
C ASP A 43 -4.63 -28.21 12.92
N GLU A 44 -4.49 -29.42 13.43
CA GLU A 44 -4.53 -30.66 12.65
C GLU A 44 -5.73 -31.44 13.21
N ILE A 45 -6.80 -31.52 12.41
CA ILE A 45 -8.03 -32.21 12.80
C ILE A 45 -8.14 -33.48 12.01
N THR A 46 -8.19 -34.62 12.70
CA THR A 46 -8.26 -35.92 12.06
C THR A 46 -9.63 -36.51 12.28
N PHE A 47 -10.27 -36.91 11.18
CA PHE A 47 -11.59 -37.53 11.19
C PHE A 47 -11.58 -38.88 10.55
N GLU A 48 -12.41 -39.78 11.09
CA GLU A 48 -12.64 -41.08 10.53
C GLU A 48 -14.07 -41.17 10.02
N SER A 49 -14.24 -41.57 8.76
CA SER A 49 -15.56 -41.73 8.11
C SER A 49 -15.46 -42.51 6.80
N ILE A 51 -16.83 -41.21 4.07
CA ILE A 51 -17.07 -40.19 3.04
C ILE A 51 -15.80 -39.97 2.23
N PRO A 52 -15.86 -40.12 0.88
CA PRO A 52 -14.64 -39.93 0.07
C PRO A 52 -14.04 -38.52 0.16
N ILE A 53 -12.72 -38.43 0.05
CA ILE A 53 -11.94 -37.19 0.13
C ILE A 53 -12.47 -36.09 -0.83
N GLU A 54 -12.91 -36.48 -2.05
CA GLU A 54 -13.44 -35.57 -3.06
C GLU A 54 -14.77 -34.95 -2.61
N THR A 55 -15.56 -35.70 -1.81
CA THR A 55 -16.78 -35.16 -1.21
C THR A 55 -16.42 -34.15 -0.08
N TRP A 56 -15.43 -34.47 0.80
CA TRP A 56 -14.95 -33.52 1.82
C TRP A 56 -14.49 -32.24 1.13
N LYS A 57 -13.78 -32.37 -0.02
CA LYS A 57 -13.26 -31.21 -0.75
C LYS A 57 -14.37 -30.34 -1.31
N SER A 58 -15.46 -30.97 -1.78
CA SER A 58 -16.64 -30.25 -2.26
C SER A 58 -17.32 -29.49 -1.11
N TYR A 59 -17.18 -30.02 0.11
CA TYR A 59 -17.79 -29.42 1.27
C TYR A 59 -16.96 -28.39 1.95
N ILE A 60 -15.72 -28.08 1.47
CA ILE A 60 -14.82 -27.10 2.13
C ILE A 60 -15.53 -25.73 2.40
N PRO A 61 -16.13 -25.05 1.40
CA PRO A 61 -16.80 -23.79 1.71
C PRO A 61 -17.78 -23.95 2.86
N GLN A 62 -18.60 -25.03 2.90
CA GLN A 62 -19.61 -25.22 3.96
C GLN A 62 -19.04 -25.57 5.34
N LEU A 63 -18.01 -26.42 5.39
CA LEU A 63 -17.33 -26.81 6.62
C LEU A 63 -16.64 -25.63 7.27
N GLN A 64 -16.08 -24.72 6.46
CA GLN A 64 -15.46 -23.51 7.00
C GLN A 64 -16.50 -22.72 7.78
N THR A 65 -17.68 -22.52 7.22
CA THR A 65 -18.77 -21.79 7.86
C THR A 65 -19.38 -22.53 9.08
N SER A 66 -19.70 -23.80 8.93
CA SER A 66 -20.30 -24.61 9.99
C SER A 66 -19.33 -24.71 11.19
N LEU A 67 -18.06 -25.03 10.93
CA LEU A 67 -17.07 -25.18 12.00
C LEU A 67 -16.37 -23.87 12.39
N ASN A 68 -16.60 -22.77 11.64
CA ASN A 68 -15.94 -21.48 11.83
C ASN A 68 -14.40 -21.59 11.75
N ILE A 69 -13.90 -22.13 10.64
CA ILE A 69 -12.45 -22.29 10.45
C ILE A 69 -12.07 -21.87 9.04
N SER A 70 -10.80 -21.57 8.81
CA SER A 70 -10.22 -21.35 7.49
C SER A 70 -9.47 -22.66 7.21
N ILE A 71 -9.85 -23.36 6.18
CA ILE A 71 -9.21 -24.62 5.86
C ILE A 71 -8.01 -24.36 4.95
N ILE A 72 -6.80 -24.77 5.39
CA ILE A 72 -5.59 -24.62 4.60
C ILE A 72 -5.56 -25.76 3.59
N SER A 73 -5.79 -27.01 4.06
CA SER A 73 -5.81 -28.20 3.21
C SER A 73 -6.59 -29.34 3.85
N ILE A 74 -7.00 -30.30 3.01
CA ILE A 74 -7.62 -31.56 3.41
C ILE A 74 -6.82 -32.64 2.70
N GLU A 75 -6.30 -33.62 3.45
CA GLU A 75 -5.56 -34.74 2.87
C GLU A 75 -6.06 -36.09 3.38
N GLN A 76 -5.92 -37.14 2.57
CA GLN A 76 -6.24 -38.50 2.96
C GLN A 76 -5.11 -38.97 3.89
N GLY A 77 -5.47 -39.64 4.98
CA GLY A 77 -4.51 -40.17 5.95
C GLY A 77 -4.04 -41.56 5.54
N ALA A 78 -3.72 -42.43 6.55
CA ALA A 78 -3.26 -43.81 6.32
C ALA A 78 -4.18 -44.59 5.39
N SER A 79 -5.50 -44.57 5.66
CA SER A 79 -6.50 -45.26 4.85
C SER A 79 -7.45 -44.30 4.15
N LYS A 80 -8.38 -44.85 3.36
CA LYS A 80 -9.39 -44.06 2.69
C LYS A 80 -10.53 -43.69 3.67
N ARG A 81 -10.42 -44.15 4.94
CA ARG A 81 -11.36 -43.84 6.04
C ARG A 81 -10.87 -42.62 6.86
N ILE A 82 -9.63 -42.17 6.63
CA ILE A 82 -9.03 -41.07 7.41
C ILE A 82 -8.81 -39.82 6.59
N VAL A 83 -9.31 -38.69 7.11
CA VAL A 83 -9.04 -37.37 6.52
C VAL A 83 -8.37 -36.51 7.56
N ILE A 84 -7.44 -35.69 7.11
CA ILE A 84 -6.64 -34.81 7.94
C ILE A 84 -6.84 -33.41 7.40
N ILE A 85 -7.34 -32.51 8.24
CA ILE A 85 -7.61 -31.12 7.86
C ILE A 85 -6.59 -30.25 8.58
N LYS A 86 -5.94 -29.34 7.81
CA LYS A 86 -5.06 -28.33 8.37
C LYS A 86 -5.90 -27.07 8.34
N SER A 87 -6.12 -26.45 9.50
CA SER A 87 -6.99 -25.27 9.57
C SER A 87 -6.57 -24.26 10.61
N ALA A 89 -8.66 -21.42 13.31
CA ALA A 89 -9.95 -20.99 13.87
C ALA A 89 -10.27 -19.58 13.37
N GLY A 90 -11.54 -19.30 13.10
CA GLY A 90 -12.00 -17.96 12.71
C GLY A 90 -11.57 -16.89 13.69
N ASP A 91 -11.30 -17.27 14.98
CA ASP A 91 -10.81 -16.37 16.04
C ASP A 91 -9.30 -16.01 15.90
N ALA A 92 -8.52 -16.84 15.17
CA ALA A 92 -7.08 -16.62 14.96
C ALA A 92 -6.93 -15.71 13.73
N LYS A 93 -7.18 -14.41 13.93
CA LYS A 93 -7.18 -13.42 12.88
C LYS A 93 -5.87 -12.63 12.76
N ILE A 94 -5.35 -12.55 11.54
CA ILE A 94 -4.17 -11.78 11.14
C ILE A 94 -4.45 -11.27 9.73
N PRO A 95 -3.98 -10.06 9.34
CA PRO A 95 -4.28 -9.58 7.98
C PRO A 95 -3.66 -10.40 6.87
N LYS A 96 -4.20 -10.25 5.65
CA LYS A 96 -3.69 -10.96 4.47
C LYS A 96 -2.91 -9.95 3.60
N TYR A 97 -2.95 -8.68 4.03
CA TYR A 97 -2.26 -7.55 3.44
C TYR A 97 -2.11 -6.50 4.50
N LEU A 98 -0.87 -6.02 4.68
CA LEU A 98 -0.56 -5.05 5.72
C LEU A 98 0.48 -4.07 5.16
N PRO A 99 0.00 -2.98 4.52
CA PRO A 99 0.96 -2.00 3.97
C PRO A 99 1.78 -1.34 5.04
N TRP A 100 3.04 -1.03 4.73
CA TRP A 100 3.90 -0.28 5.64
C TRP A 100 3.34 1.12 5.82
N ASP A 101 3.56 1.72 6.99
CA ASP A 101 3.18 3.11 7.27
C ASP A 101 4.20 3.65 8.29
N ASP A 102 4.67 4.89 8.09
CA ASP A 102 5.66 5.51 8.98
C ASP A 102 5.18 5.67 10.44
N LYS A 103 3.86 5.46 10.71
CA LYS A 103 3.29 5.52 12.06
C LYS A 103 3.80 4.39 12.98
N TYR A 104 4.27 3.26 12.37
CA TYR A 104 4.81 2.10 13.07
C TYR A 104 6.24 2.31 13.59
N ILE A 105 6.97 3.32 13.07
CA ILE A 105 8.35 3.62 13.48
C ILE A 105 8.40 3.86 14.99
N GLU A 106 9.24 3.08 15.69
CA GLU A 106 9.43 3.15 17.13
C GLU A 106 10.30 4.31 17.51
N GLU A 107 10.01 4.87 18.69
CA GLU A 107 10.71 6.00 19.31
C GLU A 107 12.03 5.51 19.86
N GLN A 108 12.02 4.28 20.41
CA GLN A 108 13.20 3.65 20.98
C GLN A 108 14.18 3.23 19.88
N GLU A 109 15.38 3.82 19.89
CA GLU A 109 16.47 3.56 18.94
C GLU A 109 16.81 2.06 18.99
N GLY A 110 16.96 1.42 17.83
CA GLY A 110 17.30 0.01 17.76
C GLY A 110 16.13 -0.96 17.79
N VAL A 111 14.92 -0.44 18.01
CA VAL A 111 13.69 -1.23 18.03
C VAL A 111 13.05 -1.08 16.65
N VAL A 112 12.76 -2.22 16.02
CA VAL A 112 12.10 -2.29 14.71
C VAL A 112 10.82 -3.15 14.79
N VAL A 113 9.86 -2.87 13.90
CA VAL A 113 8.59 -3.60 13.80
C VAL A 113 8.58 -4.34 12.45
N VAL A 114 8.25 -5.65 12.42
CA VAL A 114 8.28 -6.36 11.14
C VAL A 114 6.87 -6.75 10.59
N GLY A 115 5.85 -6.61 11.40
CA GLY A 115 4.48 -6.92 10.99
C GLY A 115 3.55 -7.27 12.12
N GLN A 116 2.42 -7.91 11.78
CA GLN A 116 1.34 -8.22 12.73
C GLN A 116 1.13 -9.68 13.01
N THR A 117 1.00 -10.02 14.31
CA THR A 117 0.69 -11.36 14.79
C THR A 117 -0.75 -11.34 15.38
N PHE A 118 -1.18 -12.41 16.08
CA PHE A 118 -2.54 -12.55 16.65
C PHE A 118 -2.86 -11.50 17.71
N SER A 119 -1.92 -11.29 18.66
CA SER A 119 -2.03 -10.30 19.73
C SER A 119 -0.86 -9.34 19.58
N GLY A 120 -1.10 -8.22 18.89
CA GLY A 120 -0.10 -7.18 18.68
C GLY A 120 0.83 -7.36 17.51
N ASN A 121 1.83 -6.47 17.42
CA ASN A 121 2.84 -6.47 16.37
C ASN A 121 4.12 -7.15 16.80
N ILE A 122 4.91 -7.60 15.82
CA ILE A 122 6.16 -8.24 16.13
C ILE A 122 7.22 -7.16 16.19
N LYS A 123 7.89 -7.00 17.35
CA LYS A 123 8.97 -6.01 17.56
C LYS A 123 10.27 -6.74 17.82
N ILE A 124 11.35 -6.22 17.26
CA ILE A 124 12.69 -6.74 17.45
C ILE A 124 13.53 -5.61 18.04
N ASP A 125 14.16 -5.84 19.19
CA ASP A 125 15.08 -4.90 19.84
C ASP A 125 16.50 -5.37 19.49
N LEU A 126 17.10 -4.67 18.52
CA LEU A 126 18.45 -5.00 18.03
C LEU A 126 19.52 -4.93 19.11
N ASN A 127 19.26 -4.23 20.26
CA ASN A 127 20.21 -4.22 21.39
C ASN A 127 20.22 -5.58 22.15
N LYS A 128 19.18 -6.40 21.96
CA LYS A 128 19.01 -7.71 22.62
C LYS A 128 19.23 -8.89 21.68
N SER A 129 18.75 -8.78 20.42
CA SER A 129 18.85 -9.83 19.40
C SER A 129 19.38 -9.09 18.15
N PRO A 130 20.73 -9.03 18.02
CA PRO A 130 21.33 -8.09 17.06
C PRO A 130 21.32 -8.46 15.58
N HIS A 131 21.06 -9.73 15.22
CA HIS A 131 21.09 -10.16 13.82
C HIS A 131 19.83 -10.87 13.40
N ILE A 132 19.46 -10.70 12.14
CA ILE A 132 18.22 -11.23 11.56
C ILE A 132 18.52 -12.00 10.27
N LEU A 133 17.89 -13.16 10.12
CA LEU A 133 17.98 -13.94 8.90
C LEU A 133 16.54 -14.05 8.38
N SER A 134 16.33 -13.63 7.13
CA SER A 134 15.01 -13.67 6.49
C SER A 134 15.11 -14.61 5.31
N ALA A 135 14.34 -15.73 5.36
CA ALA A 135 14.35 -16.76 4.35
C ALA A 135 13.02 -16.93 3.65
N GLY A 136 13.06 -17.10 2.34
CA GLY A 136 11.85 -17.27 1.55
C GLY A 136 12.13 -17.40 0.07
N GLU A 137 11.18 -18.02 -0.66
CA GLU A 137 11.23 -18.22 -2.12
C GLU A 137 11.13 -16.88 -2.81
N THR A 138 11.61 -16.78 -4.06
CA THR A 138 11.55 -15.48 -4.76
C THR A 138 10.07 -15.03 -4.93
N GLY A 139 9.80 -13.77 -4.56
CA GLY A 139 8.46 -13.19 -4.58
C GLY A 139 7.68 -13.31 -3.27
N SER A 140 8.25 -14.02 -2.26
CA SER A 140 7.61 -14.25 -0.95
C SER A 140 7.45 -13.00 -0.11
N GLY A 141 8.38 -12.05 -0.27
CA GLY A 141 8.42 -10.84 0.55
C GLY A 141 9.58 -10.87 1.52
N LYS A 142 10.42 -11.92 1.45
CA LYS A 142 11.61 -12.11 2.31
C LYS A 142 12.53 -10.86 2.27
N SER A 143 12.76 -10.34 1.05
CA SER A 143 13.64 -9.20 0.79
C SER A 143 13.01 -7.86 1.16
N VAL A 144 11.68 -7.73 0.96
CA VAL A 144 10.85 -6.58 1.31
C VAL A 144 10.96 -6.26 2.83
N ILE A 145 10.94 -7.31 3.68
CA ILE A 145 11.09 -7.21 5.14
C ILE A 145 12.39 -6.54 5.50
N LEU A 146 13.51 -6.99 4.88
CA LEU A 146 14.84 -6.44 5.13
C LEU A 146 14.93 -4.95 4.80
N ARG A 147 14.29 -4.51 3.68
CA ARG A 147 14.28 -3.09 3.26
C ARG A 147 13.41 -2.23 4.20
N CYS A 148 12.34 -2.84 4.77
CA CYS A 148 11.46 -2.23 5.78
C CYS A 148 12.24 -1.98 7.08
N ILE A 149 13.03 -2.97 7.52
CA ILE A 149 13.90 -2.87 8.71
C ILE A 149 14.94 -1.76 8.45
N LEU A 150 15.57 -1.78 7.26
CA LEU A 150 16.58 -0.80 6.84
C LEU A 150 16.04 0.61 6.92
N TRP A 151 14.83 0.85 6.38
CA TRP A 151 14.14 2.15 6.39
C TRP A 151 13.95 2.68 7.82
N GLN A 152 13.49 1.82 8.71
CA GLN A 152 13.26 2.13 10.13
C GLN A 152 14.55 2.59 10.80
N LEU A 153 15.66 1.84 10.59
CA LEU A 153 16.96 2.18 11.13
C LEU A 153 17.56 3.44 10.50
N LEU A 154 17.35 3.66 9.19
CA LEU A 154 17.81 4.89 8.52
C LEU A 154 17.08 6.11 9.11
N LYS A 155 15.80 5.94 9.49
CA LYS A 155 14.95 6.96 10.13
C LYS A 155 15.37 7.21 11.56
N GLN A 156 16.11 6.26 12.20
CA GLN A 156 16.62 6.44 13.57
C GLN A 156 18.05 6.93 13.55
N GLY A 157 18.57 7.21 12.35
CA GLY A 157 19.92 7.77 12.20
C GLY A 157 21.04 6.76 11.98
N ALA A 158 20.72 5.48 11.70
CA ALA A 158 21.80 4.49 11.48
C ALA A 158 22.54 4.72 10.16
N ILE A 159 23.79 4.22 10.09
CA ILE A 159 24.68 4.17 8.92
C ILE A 159 24.33 2.84 8.25
N ALA A 160 24.29 2.81 6.90
CA ALA A 160 23.94 1.59 6.19
C ALA A 160 24.94 1.14 5.16
N TYR A 161 25.08 -0.18 5.04
CA TYR A 161 25.92 -0.84 4.06
C TYR A 161 25.06 -1.92 3.41
N VAL A 163 24.78 -5.05 0.51
CA VAL A 163 25.54 -5.98 -0.31
C VAL A 163 24.63 -6.68 -1.31
N ASP A 164 24.96 -6.53 -2.61
CA ASP A 164 24.22 -7.20 -3.69
C ASP A 164 25.13 -7.45 -4.87
N PHE A 165 25.52 -8.71 -5.08
CA PHE A 165 26.45 -9.10 -6.16
C PHE A 165 25.81 -9.13 -7.52
N LYS A 166 24.48 -8.92 -7.61
CA LYS A 166 23.81 -8.86 -8.91
C LYS A 166 23.86 -7.41 -9.45
N GLY A 167 25.07 -6.89 -9.53
CA GLY A 167 25.33 -5.53 -10.02
C GLY A 167 24.65 -4.44 -9.22
N GLY A 168 24.16 -4.78 -8.02
CA GLY A 168 23.47 -3.83 -7.14
C GLY A 168 22.06 -3.49 -7.58
N VAL A 169 21.49 -4.25 -8.54
CA VAL A 169 20.15 -4.03 -9.09
C VAL A 169 19.06 -4.07 -7.98
N GLU A 170 19.31 -4.80 -6.90
CA GLU A 170 18.37 -4.88 -5.77
C GLU A 170 18.45 -3.63 -4.89
N PHE A 171 19.54 -2.84 -5.00
CA PHE A 171 19.74 -1.58 -4.24
C PHE A 171 20.16 -0.50 -5.22
N GLY A 172 19.16 0.03 -5.90
CA GLY A 172 19.29 1.05 -6.93
C GLY A 172 19.94 2.34 -6.49
N LEU A 173 19.93 3.32 -7.38
CA LEU A 173 20.57 4.63 -7.17
C LEU A 173 20.01 5.43 -6.01
N GLU A 174 18.75 5.21 -5.66
CA GLU A 174 18.11 5.89 -4.54
C GLU A 174 18.68 5.40 -3.20
N TYR A 175 19.08 4.09 -3.12
CA TYR A 175 19.74 3.49 -1.94
C TYR A 175 21.11 4.04 -1.76
N GLU A 176 21.80 4.36 -2.88
CA GLU A 176 23.13 4.94 -2.89
C GLU A 176 23.15 6.35 -2.30
N LYS A 177 21.99 7.03 -2.23
CA LYS A 177 21.95 8.38 -1.63
C LYS A 177 22.08 8.30 -0.11
N VAL A 178 21.67 7.14 0.51
CA VAL A 178 21.64 6.98 1.96
C VAL A 178 22.72 6.04 2.55
N GLY A 179 23.51 5.42 1.69
CA GLY A 179 24.55 4.50 2.12
C GLY A 179 25.38 3.97 0.97
N GLN A 180 26.22 3.01 1.28
CA GLN A 180 27.13 2.41 0.31
C GLN A 180 26.58 1.07 -0.13
N VAL A 181 26.55 0.88 -1.46
CA VAL A 181 26.13 -0.38 -2.09
C VAL A 181 27.39 -1.07 -2.60
N ILE A 182 27.63 -2.31 -2.12
CA ILE A 182 28.75 -3.16 -2.50
C ILE A 182 28.19 -4.20 -3.48
N THR A 183 28.73 -4.22 -4.71
CA THR A 183 28.24 -5.05 -5.80
C THR A 183 29.18 -6.19 -6.26
N GLU A 184 30.39 -6.27 -5.70
CA GLU A 184 31.34 -7.30 -6.10
C GLU A 184 32.16 -7.77 -4.91
N VAL A 185 32.76 -8.96 -5.02
CA VAL A 185 33.51 -9.65 -3.98
C VAL A 185 34.75 -8.86 -3.46
N ASP A 186 35.43 -8.07 -4.34
CA ASP A 186 36.57 -7.25 -3.92
C ASP A 186 36.12 -6.17 -2.95
N ALA A 187 35.05 -5.43 -3.30
CA ALA A 187 34.49 -4.40 -2.43
C ALA A 187 33.94 -5.03 -1.13
N ALA A 188 33.40 -6.26 -1.19
CA ALA A 188 32.89 -6.96 0.02
C ALA A 188 34.02 -7.36 0.96
N GLU A 189 35.20 -7.79 0.43
CA GLU A 189 36.35 -8.11 1.31
C GLU A 189 36.79 -6.83 2.05
N LYS A 190 36.92 -5.70 1.32
CA LYS A 190 37.26 -4.41 1.95
C LYS A 190 36.19 -4.01 2.99
N LEU A 191 34.92 -4.23 2.69
CA LEU A 191 33.83 -3.85 3.61
C LEU A 191 33.87 -4.66 4.89
N PHE A 192 33.95 -5.99 4.77
CA PHE A 192 33.91 -6.86 5.95
C PHE A 192 35.16 -6.78 6.83
N LYS A 193 36.32 -6.50 6.22
CA LYS A 193 37.56 -6.28 6.97
C LYS A 193 37.42 -4.92 7.75
N TYR A 194 36.83 -3.91 7.13
CA TYR A 194 36.56 -2.65 7.81
C TYR A 194 35.59 -2.84 9.02
N LEU A 195 34.46 -3.55 8.81
CA LEU A 195 33.43 -3.78 9.84
C LEU A 195 33.96 -4.58 11.01
N VAL A 196 34.83 -5.58 10.74
CA VAL A 196 35.47 -6.40 11.78
C VAL A 196 36.46 -5.52 12.62
N ASP A 197 37.20 -4.63 11.96
CA ASP A 197 38.11 -3.66 12.64
C ASP A 197 37.27 -2.63 13.41
N GLU A 198 36.15 -2.13 12.82
CA GLU A 198 35.30 -1.15 13.49
C GLU A 198 34.67 -1.80 14.75
N ASN A 199 34.29 -3.07 14.65
CA ASN A 199 33.76 -3.84 15.76
C ASN A 199 34.84 -3.95 16.86
N ALA A 200 36.08 -4.29 16.49
CA ALA A 200 37.22 -4.44 17.43
C ALA A 200 37.50 -3.12 18.15
N LYS A 201 37.44 -1.98 17.45
CA LYS A 201 37.62 -0.63 18.03
C LYS A 201 36.50 -0.28 19.05
N ARG A 202 35.26 -0.70 18.76
CA ARG A 202 34.10 -0.48 19.62
C ARG A 202 34.17 -1.33 20.87
N LEU A 203 34.59 -2.61 20.74
CA LEU A 203 34.76 -3.49 21.91
C LEU A 203 35.82 -2.90 22.86
N LYS A 204 36.88 -2.32 22.28
CA LYS A 204 38.01 -1.72 23.02
C LYS A 204 37.47 -0.50 23.81
N LEU A 205 36.63 0.34 23.18
CA LEU A 205 36.00 1.50 23.82
C LEU A 205 35.08 1.10 24.98
N LEU A 206 34.32 -0.01 24.82
CA LEU A 206 33.44 -0.56 25.87
C LEU A 206 34.23 -1.08 27.05
N ARG A 207 35.30 -1.85 26.83
CA ARG A 207 36.12 -2.37 27.95
C ARG A 207 36.76 -1.22 28.71
N GLU A 208 37.42 -0.30 27.99
CA GLU A 208 38.13 0.83 28.59
C GLU A 208 37.26 1.79 29.39
N SER A 209 36.01 2.02 28.95
CA SER A 209 35.11 2.96 29.60
C SER A 209 34.19 2.31 30.61
N GLY A 210 34.23 0.97 30.70
CA GLY A 210 33.37 0.19 31.59
C GLY A 210 31.91 0.29 31.14
N SER A 211 31.68 0.35 29.82
CA SER A 211 30.34 0.52 29.25
C SER A 211 29.79 -0.79 28.76
N LYS A 212 28.48 -1.03 29.00
CA LYS A 212 27.79 -2.25 28.59
C LYS A 212 27.56 -2.30 27.10
N ASN A 213 27.27 -1.15 26.48
CA ASN A 213 26.97 -1.03 25.05
C ASN A 213 27.33 0.35 24.55
N ILE A 214 27.24 0.59 23.22
CA ILE A 214 27.59 1.89 22.65
C ILE A 214 26.68 3.03 23.15
N GLY A 215 25.45 2.72 23.56
CA GLY A 215 24.52 3.68 24.13
C GLY A 215 25.03 4.24 25.44
N GLU A 216 25.60 3.37 26.32
CA GLU A 216 26.18 3.79 27.60
C GLU A 216 27.47 4.56 27.31
N TYR A 217 28.28 4.09 26.34
CA TYR A 217 29.51 4.78 25.94
C TYR A 217 29.23 6.21 25.46
N ASN A 218 28.24 6.39 24.56
CA ASN A 218 27.87 7.69 23.97
C ASN A 218 27.50 8.75 24.99
N LYS A 219 26.83 8.36 26.09
CA LYS A 219 26.44 9.25 27.20
C LYS A 219 27.65 9.76 27.97
N LYS A 220 28.79 9.05 27.91
CA LYS A 220 30.01 9.42 28.64
C LYS A 220 30.81 10.52 27.94
N PHE A 221 30.69 10.64 26.61
CA PHE A 221 31.42 11.59 25.79
C PHE A 221 30.49 12.40 24.88
N GLU A 222 30.32 13.71 25.17
CA GLU A 222 29.45 14.56 24.37
C GLU A 222 29.78 14.58 22.86
N GLY A 223 31.03 14.85 22.51
CA GLY A 223 31.44 14.94 21.11
C GLY A 223 31.79 13.65 20.37
N GLU A 224 31.69 12.49 21.06
CA GLU A 224 32.03 11.19 20.48
C GLU A 224 30.79 10.30 20.44
N GLU A 225 30.07 10.34 19.31
CA GLU A 225 28.85 9.55 19.15
C GLU A 225 29.03 8.48 18.11
N LEU A 226 29.07 7.22 18.58
CA LEU A 226 29.17 6.06 17.71
C LEU A 226 27.74 5.81 17.22
N LYS A 227 27.59 5.57 15.95
CA LYS A 227 26.28 5.33 15.37
C LYS A 227 26.07 3.87 15.10
N ARG A 228 24.79 3.41 15.18
CA ARG A 228 24.42 2.06 14.79
C ARG A 228 24.78 1.86 13.31
N ILE A 229 25.39 0.72 12.98
CA ILE A 229 25.71 0.34 11.61
C ILE A 229 24.78 -0.84 11.21
N ILE A 230 24.02 -0.70 10.09
CA ILE A 230 23.20 -1.79 9.58
C ILE A 230 23.80 -2.32 8.29
N VAL A 231 23.99 -3.63 8.22
CA VAL A 231 24.59 -4.30 7.07
C VAL A 231 23.52 -5.21 6.48
N VAL A 232 23.08 -4.92 5.27
CA VAL A 232 22.02 -5.69 4.63
C VAL A 232 22.66 -6.56 3.57
N ILE A 233 22.51 -7.87 3.71
CA ILE A 233 23.08 -8.81 2.75
C ILE A 233 21.85 -9.37 2.05
N ASP A 234 21.65 -8.96 0.79
CA ASP A 234 20.50 -9.39 -0.02
C ASP A 234 20.47 -10.90 -0.20
N GLU A 235 21.63 -11.55 -0.39
CA GLU A 235 21.64 -12.99 -0.59
C GLU A 235 22.88 -13.57 0.02
N LEU A 236 22.70 -14.35 1.10
CA LEU A 236 23.81 -15.00 1.82
C LEU A 236 24.58 -15.99 0.93
N ALA A 237 23.91 -16.66 -0.03
CA ALA A 237 24.58 -17.61 -0.95
C ALA A 237 25.72 -16.97 -1.75
N GLU A 238 25.62 -15.66 -2.08
CA GLU A 238 26.67 -14.91 -2.81
C GLU A 238 27.99 -14.80 -1.99
N LEU A 239 27.91 -14.90 -0.66
CA LEU A 239 29.08 -14.85 0.23
C LEU A 239 29.47 -16.25 0.74
N ASP A 241 28.14 -19.64 -0.58
CA ASP A 241 28.23 -20.72 -1.56
C ASP A 241 29.49 -20.55 -2.41
N LYS A 242 30.48 -21.42 -2.15
CA LYS A 242 31.81 -21.43 -2.79
C LYS A 242 32.00 -22.51 -3.88
N THR A 243 30.97 -23.32 -4.17
CA THR A 243 31.05 -24.51 -5.05
C THR A 243 31.74 -24.37 -6.43
N GLY A 244 31.39 -23.37 -7.25
CA GLY A 244 31.93 -23.28 -8.62
C GLY A 244 32.96 -22.22 -8.94
N VAL A 245 33.45 -21.49 -7.93
CA VAL A 245 34.47 -20.45 -8.07
C VAL A 245 35.90 -21.05 -8.15
N ASP A 246 36.88 -20.25 -8.60
CA ASP A 246 38.29 -20.67 -8.65
C ASP A 246 38.96 -20.52 -7.27
N ASP A 247 40.20 -20.99 -7.15
CA ASP A 247 41.04 -21.02 -5.95
C ASP A 247 41.18 -19.70 -5.24
N GLU A 248 41.44 -18.61 -5.99
CA GLU A 248 41.63 -17.27 -5.45
C GLU A 248 40.34 -16.66 -4.93
N THR A 249 39.23 -16.85 -5.66
CA THR A 249 37.90 -16.36 -5.28
C THR A 249 37.41 -17.12 -4.05
N ARG A 250 37.73 -18.43 -3.97
CA ARG A 250 37.35 -19.29 -2.84
C ARG A 250 38.03 -18.79 -1.56
N ALA A 251 39.36 -18.54 -1.61
CA ALA A 251 40.14 -18.04 -0.48
C ALA A 251 39.60 -16.67 0.01
N LYS A 252 39.21 -15.82 -0.94
CA LYS A 252 38.62 -14.52 -0.69
C LYS A 252 37.27 -14.70 0.06
N LEU A 253 36.41 -15.62 -0.41
CA LEU A 253 35.11 -15.95 0.24
C LEU A 253 35.31 -16.55 1.64
N VAL A 254 36.35 -17.39 1.81
CA VAL A 254 36.73 -17.99 3.09
C VAL A 254 37.11 -16.86 4.05
N ARG A 255 37.90 -15.88 3.59
CA ARG A 255 38.33 -14.72 4.39
C ARG A 255 37.12 -13.90 4.80
N ILE A 256 36.18 -13.62 3.86
CA ILE A 256 34.92 -12.91 4.12
C ILE A 256 34.05 -13.66 5.14
N GLU A 257 33.95 -15.02 5.02
CA GLU A 257 33.16 -15.85 5.94
C GLU A 257 33.74 -15.73 7.37
N GLY A 258 35.09 -15.69 7.46
CA GLY A 258 35.80 -15.52 8.71
C GLY A 258 35.45 -14.19 9.34
N TYR A 259 35.31 -13.13 8.49
CA TYR A 259 34.92 -11.80 8.97
C TYR A 259 33.46 -11.73 9.40
N THR A 260 32.55 -12.36 8.64
CA THR A 260 31.10 -12.40 8.92
C THR A 260 30.81 -13.13 10.22
N SER A 261 31.49 -14.28 10.44
CA SER A 261 31.37 -15.12 11.62
C SER A 261 31.79 -14.38 12.87
N THR A 262 32.97 -13.72 12.81
CA THR A 262 33.53 -12.89 13.90
C THR A 262 32.56 -11.73 14.21
N LEU A 263 32.04 -11.09 13.15
CA LEU A 263 31.08 -10.00 13.32
C LEU A 263 29.84 -10.49 14.03
N ALA A 264 29.21 -11.57 13.54
CA ALA A 264 27.99 -12.12 14.11
C ALA A 264 28.14 -12.51 15.60
N ARG A 265 29.24 -13.15 15.93
CA ARG A 265 29.52 -13.65 17.27
C ARG A 265 29.85 -12.52 18.26
N LEU A 266 30.62 -11.51 17.83
CA LEU A 266 31.11 -10.46 18.73
C LEU A 266 30.43 -9.09 18.70
N SER A 267 29.47 -8.82 17.78
CA SER A 267 28.90 -7.46 17.66
C SER A 267 27.58 -7.18 18.43
N ARG A 268 27.30 -7.99 19.45
CA ARG A 268 26.12 -7.90 20.31
C ARG A 268 25.92 -6.49 20.92
N ALA A 269 26.97 -5.94 21.54
CA ALA A 269 26.98 -4.67 22.28
C ALA A 269 27.47 -3.46 21.49
N THR A 270 28.07 -3.67 20.33
CA THR A 270 28.72 -2.61 19.53
C THR A 270 27.81 -1.88 18.52
N GLY A 271 26.55 -2.31 18.37
CA GLY A 271 25.64 -1.61 17.47
C GLY A 271 25.99 -1.81 16.01
N ILE A 272 26.46 -2.99 15.64
CA ILE A 272 26.69 -3.37 14.25
C ILE A 272 25.73 -4.57 14.01
N ASN A 273 24.71 -4.38 13.16
CA ASN A 273 23.67 -5.35 12.91
C ASN A 273 23.63 -5.92 11.50
N LEU A 274 23.56 -7.26 11.42
CA LEU A 274 23.48 -7.99 10.14
C LEU A 274 22.04 -8.37 9.84
N CYS A 275 21.53 -7.99 8.65
CA CYS A 275 20.21 -8.33 8.14
C CYS A 275 20.45 -9.13 6.90
N ILE A 276 20.26 -10.45 7.00
CA ILE A 276 20.59 -11.40 5.94
C ILE A 276 19.38 -12.01 5.25
N GLY A 277 19.40 -11.99 3.92
CA GLY A 277 18.39 -12.65 3.10
C GLY A 277 18.93 -13.96 2.55
N VAL A 278 18.07 -14.99 2.51
CA VAL A 278 18.39 -16.31 1.95
C VAL A 278 17.21 -16.81 1.10
N GLN A 279 17.46 -17.09 -0.16
CA GLN A 279 16.39 -17.58 -1.04
C GLN A 279 16.19 -19.12 -0.95
N ARG A 280 17.30 -19.85 -0.88
CA ARG A 280 17.32 -21.29 -0.91
C ARG A 280 18.13 -21.81 0.29
N PRO A 281 17.45 -22.18 1.41
CA PRO A 281 18.18 -22.68 2.57
C PRO A 281 18.95 -23.94 2.21
N ASP A 282 20.22 -23.98 2.62
CA ASP A 282 21.18 -25.04 2.35
C ASP A 282 22.11 -24.97 3.54
N ALA A 283 22.49 -26.13 4.12
CA ALA A 283 23.42 -26.21 5.28
C ALA A 283 24.81 -25.64 5.00
N LYS A 284 25.21 -25.54 3.73
CA LYS A 284 26.51 -24.96 3.36
C LYS A 284 26.48 -23.45 3.46
N VAL A 285 25.26 -22.85 3.33
CA VAL A 285 25.04 -21.40 3.35
C VAL A 285 24.61 -20.96 4.73
N ILE A 286 23.56 -21.58 5.30
CA ILE A 286 23.09 -21.33 6.66
C ILE A 286 23.80 -22.37 7.52
N THR A 287 25.07 -22.10 7.84
CA THR A 287 25.90 -23.01 8.62
C THR A 287 25.50 -22.98 10.11
N GLY A 288 26.19 -23.79 10.91
CA GLY A 288 26.03 -23.86 12.36
C GLY A 288 26.51 -22.58 13.02
N GLN A 289 27.53 -21.92 12.45
CA GLN A 289 28.04 -20.65 12.98
C GLN A 289 26.99 -19.54 12.80
N ILE A 290 26.35 -19.47 11.61
CA ILE A 290 25.29 -18.51 11.32
C ILE A 290 24.15 -18.78 12.33
N LYS A 291 23.71 -20.03 12.45
CA LYS A 291 22.64 -20.39 13.35
C LYS A 291 22.95 -20.07 14.81
N ASN A 292 24.17 -20.35 15.28
CA ASN A 292 24.53 -20.09 16.68
C ASN A 292 24.62 -18.59 16.99
N ASN A 293 24.79 -17.72 15.97
CA ASN A 293 24.96 -16.30 16.26
C ASN A 293 23.90 -15.38 15.67
N VAL A 294 22.98 -15.90 14.88
CA VAL A 294 21.91 -15.09 14.28
C VAL A 294 20.61 -15.50 14.97
N PRO A 295 20.16 -14.78 16.01
CA PRO A 295 19.00 -15.25 16.79
C PRO A 295 17.62 -15.07 16.18
N VAL A 296 17.40 -14.01 15.38
CA VAL A 296 16.07 -13.78 14.80
C VAL A 296 15.95 -14.51 13.47
N ARG A 297 14.90 -15.33 13.31
CA ARG A 297 14.64 -16.01 12.05
C ARG A 297 13.26 -15.63 11.58
N ILE A 298 13.20 -15.23 10.33
CA ILE A 298 11.97 -14.91 9.64
C ILE A 298 11.94 -15.90 8.49
N CYS A 299 10.94 -16.79 8.46
CA CYS A 299 10.86 -17.83 7.45
C CYS A 299 9.54 -17.86 6.69
N GLY A 300 9.65 -17.85 5.36
CA GLY A 300 8.50 -17.94 4.48
C GLY A 300 8.10 -19.40 4.32
N ARG A 301 7.11 -19.64 3.50
CA ARG A 301 6.60 -20.98 3.25
C ARG A 301 7.58 -21.79 2.40
N PHE A 302 7.94 -22.98 2.83
CA PHE A 302 8.74 -23.94 2.06
C PHE A 302 8.02 -25.30 2.23
N ALA A 303 7.59 -25.93 1.13
CA ALA A 303 6.92 -27.24 1.18
C ALA A 303 7.86 -28.35 1.63
N ASP A 304 9.17 -28.17 1.43
CA ASP A 304 10.21 -29.12 1.84
C ASP A 304 10.58 -28.97 3.33
N SER A 305 10.48 -30.08 4.07
CA SER A 305 10.80 -30.21 5.51
C SER A 305 12.23 -29.83 5.86
N LYS A 306 13.20 -30.24 5.03
CA LYS A 306 14.64 -29.98 5.23
C LYS A 306 14.96 -28.45 5.21
N ALA A 307 14.36 -27.72 4.26
CA ALA A 307 14.49 -26.26 4.08
C ALA A 307 14.03 -25.51 5.34
N SER A 308 12.89 -25.94 5.92
CA SER A 308 12.35 -25.37 7.17
C SER A 308 13.29 -25.68 8.34
N GLU A 309 13.83 -26.94 8.45
CA GLU A 309 14.76 -27.34 9.52
C GLU A 309 16.07 -26.57 9.48
N ILE A 310 16.57 -26.28 8.27
CA ILE A 310 17.81 -25.49 8.13
C ILE A 310 17.61 -24.08 8.74
N VAL A 311 16.45 -23.43 8.46
CA VAL A 311 16.15 -22.08 8.94
C VAL A 311 15.76 -22.04 10.42
N LEU A 312 14.75 -22.86 10.81
CA LEU A 312 14.07 -22.85 12.11
C LEU A 312 14.39 -23.96 13.08
N SER A 313 15.04 -25.04 12.59
CA SER A 313 15.30 -26.29 13.32
C SER A 313 13.97 -26.96 13.80
N ASN A 314 12.91 -26.79 12.97
CA ASN A 314 11.59 -27.43 13.04
C ASN A 314 11.03 -27.45 11.60
N THR A 315 9.92 -28.15 11.35
CA THR A 315 9.33 -28.31 10.01
C THR A 315 8.10 -27.43 9.79
N LYS A 316 7.86 -26.41 10.63
CA LYS A 316 6.64 -25.59 10.57
C LYS A 316 6.46 -24.71 9.33
N ALA A 317 7.54 -24.38 8.57
CA ALA A 317 7.36 -23.56 7.35
C ALA A 317 6.52 -24.30 6.27
N LYS A 318 6.41 -25.64 6.37
CA LYS A 318 5.59 -26.42 5.43
C LYS A 318 4.07 -26.29 5.71
N ASP A 319 3.69 -25.79 6.90
CA ASP A 319 2.29 -25.68 7.36
C ASP A 319 1.64 -24.35 7.02
N LEU A 320 2.46 -23.32 6.71
CA LEU A 320 1.91 -21.99 6.48
C LEU A 320 0.84 -21.96 5.37
N PRO A 321 -0.21 -21.11 5.48
CA PRO A 321 -1.13 -20.97 4.35
C PRO A 321 -0.43 -20.17 3.23
N GLU A 322 -0.89 -20.38 1.98
CA GLU A 322 -0.35 -19.71 0.78
C GLU A 322 -0.87 -18.29 0.63
N VAL A 323 -0.40 -17.41 1.54
CA VAL A 323 -0.75 -15.99 1.60
C VAL A 323 0.56 -15.21 1.40
N LYS A 324 0.56 -14.24 0.48
CA LYS A 324 1.75 -13.42 0.24
C LYS A 324 2.02 -12.55 1.48
N GLY A 325 3.28 -12.56 1.91
CA GLY A 325 3.73 -11.81 3.07
C GLY A 325 3.47 -12.49 4.40
N ARG A 326 3.01 -13.74 4.38
CA ARG A 326 2.75 -14.50 5.60
C ARG A 326 4.03 -15.28 5.98
N PHE A 327 4.51 -15.09 7.21
CA PHE A 327 5.77 -15.70 7.61
C PHE A 327 5.69 -16.30 8.96
N LEU A 328 6.73 -17.08 9.32
CA LEU A 328 7.04 -17.55 10.66
C LEU A 328 8.16 -16.68 11.25
N PHE A 329 8.01 -16.33 12.51
CA PHE A 329 9.00 -15.59 13.30
C PHE A 329 9.47 -16.52 14.40
N LYS A 330 10.78 -16.68 14.51
CA LYS A 330 11.39 -17.47 15.57
C LYS A 330 12.53 -16.65 16.23
N LEU A 331 12.42 -16.46 17.55
CA LEU A 331 13.42 -15.83 18.43
C LEU A 331 13.40 -16.64 19.70
N GLY A 332 14.45 -17.40 19.91
CA GLY A 332 14.52 -18.31 21.04
C GLY A 332 13.81 -19.60 20.66
N ALA A 333 13.10 -20.21 21.62
CA ALA A 333 12.45 -21.49 21.39
C ALA A 333 11.04 -21.44 20.77
N ASP A 334 10.39 -20.27 20.65
CA ASP A 334 9.02 -20.19 20.10
C ASP A 334 8.96 -19.73 18.63
N THR A 335 8.03 -20.31 17.86
CA THR A 335 7.81 -19.99 16.45
C THR A 335 6.38 -19.49 16.30
N VAL A 336 6.19 -18.25 15.87
CA VAL A 336 4.84 -17.69 15.72
C VAL A 336 4.57 -17.28 14.27
N GLN A 337 3.30 -17.31 13.87
CA GLN A 337 2.90 -16.89 12.55
C GLN A 337 2.60 -15.38 12.60
N PHE A 338 2.98 -14.64 11.55
CA PHE A 338 2.68 -13.22 11.46
C PHE A 338 2.61 -12.80 10.00
N GLN A 339 1.94 -11.63 9.75
CA GLN A 339 1.85 -11.00 8.45
C GLN A 339 2.88 -9.88 8.42
N ALA A 340 3.81 -9.97 7.49
CA ALA A 340 4.87 -8.99 7.30
C ALA A 340 4.33 -7.77 6.58
N PHE A 341 4.88 -6.59 6.90
CA PHE A 341 4.57 -5.35 6.23
C PHE A 341 4.98 -5.43 4.77
N TYR A 342 4.16 -4.87 3.89
CA TYR A 342 4.56 -4.81 2.49
C TYR A 342 5.10 -3.40 2.34
N PHE A 343 6.41 -3.32 2.15
CA PHE A 343 7.18 -2.08 2.01
C PHE A 343 7.52 -2.02 0.55
N ASP A 344 7.03 -1.00 -0.13
CA ASP A 344 7.20 -0.82 -1.57
C ASP A 344 8.13 0.34 -1.76
N ASP A 345 9.33 0.11 -2.34
CA ASP A 345 10.34 1.17 -2.60
C ASP A 345 9.74 2.39 -3.33
N ASP A 346 8.88 2.14 -4.33
CA ASP A 346 8.27 3.21 -5.14
C ASP A 346 7.41 4.17 -4.33
N LYS A 347 6.85 3.74 -3.20
CA LYS A 347 6.05 4.68 -2.41
C LYS A 347 6.49 4.86 -0.95
N HIS A 348 7.39 3.99 -0.44
CA HIS A 348 7.76 4.08 0.96
C HIS A 348 9.19 4.53 1.22
N PHE A 349 10.09 4.37 0.24
CA PHE A 349 11.50 4.72 0.41
C PHE A 349 11.73 6.13 -0.10
N ILE A 350 11.83 7.10 0.81
CA ILE A 350 11.96 8.53 0.50
C ILE A 350 13.32 9.02 0.96
N PRO A 351 14.34 8.99 0.06
CA PRO A 351 15.71 9.32 0.49
C PRO A 351 15.90 10.71 1.12
N ASN A 352 15.15 11.71 0.65
CA ASN A 352 15.25 13.10 1.14
C ASN A 352 14.86 13.23 2.62
N LYS A 353 13.94 12.38 3.12
CA LYS A 353 13.61 12.38 4.55
C LYS A 353 14.84 11.99 5.42
N ILE A 354 15.67 11.04 4.94
CA ILE A 354 16.88 10.57 5.61
C ILE A 354 18.00 11.60 5.56
N LEU A 355 18.21 12.23 4.38
CA LEU A 355 19.26 13.23 4.19
C LEU A 355 19.00 14.46 5.05
N LYS A 356 17.71 14.82 5.26
CA LYS A 356 17.26 15.92 6.13
C LYS A 356 17.69 15.69 7.60
N LEU A 357 17.82 14.41 8.05
CA LEU A 357 18.37 14.03 9.36
C LEU A 357 19.88 14.29 9.22
N ARG A 358 20.28 15.57 9.30
CA ARG A 358 21.65 16.05 9.14
C ARG A 358 22.54 15.64 10.30
N ALA B 10 -36.54 -7.91 8.67
CA ALA B 10 -38.00 -8.03 8.53
C ALA B 10 -38.42 -8.22 7.07
N GLU B 11 -37.95 -7.36 6.16
CA GLU B 11 -38.25 -7.48 4.72
C GLU B 11 -37.26 -8.51 4.15
N TYR B 12 -36.00 -8.45 4.60
CA TYR B 12 -34.91 -9.34 4.19
C TYR B 12 -35.30 -10.81 4.39
N ARG B 13 -35.83 -11.18 5.60
CA ARG B 13 -36.30 -12.53 5.94
C ARG B 13 -37.28 -13.04 4.89
N LEU B 14 -38.29 -12.22 4.51
CA LEU B 14 -39.30 -12.60 3.51
C LEU B 14 -38.67 -12.83 2.13
N ALA B 15 -37.71 -11.98 1.73
CA ALA B 15 -37.00 -12.07 0.47
C ALA B 15 -36.17 -13.38 0.44
N PHE B 16 -35.48 -13.69 1.56
CA PHE B 16 -34.65 -14.88 1.72
C PHE B 16 -35.49 -16.15 1.74
N GLU B 17 -36.70 -16.08 2.32
CA GLU B 17 -37.59 -17.22 2.36
C GLU B 17 -38.17 -17.56 0.99
N GLN B 18 -38.48 -16.55 0.16
CA GLN B 18 -39.02 -16.81 -1.19
C GLN B 18 -37.96 -17.45 -2.08
N LEU B 19 -36.70 -17.17 -1.76
CA LEU B 19 -35.50 -17.67 -2.43
C LEU B 19 -35.03 -19.01 -1.87
N ASN B 20 -35.56 -19.42 -0.70
CA ASN B 20 -35.13 -20.61 0.06
C ASN B 20 -33.63 -20.47 0.41
N PHE B 21 -33.21 -19.23 0.72
CA PHE B 21 -31.83 -18.93 1.04
C PHE B 21 -31.59 -19.11 2.55
N VAL B 22 -31.33 -20.36 2.96
CA VAL B 22 -31.15 -20.76 4.37
C VAL B 22 -29.77 -21.45 4.56
N GLY B 23 -29.21 -21.32 5.75
CA GLY B 23 -27.92 -21.94 6.04
C GLY B 23 -28.07 -23.37 6.49
N ALA B 24 -26.96 -23.96 7.00
CA ALA B 24 -26.91 -25.35 7.47
C ALA B 24 -27.94 -25.64 8.57
N ASP B 25 -28.24 -24.62 9.39
CA ASP B 25 -29.19 -24.73 10.50
C ASP B 25 -30.63 -24.48 10.07
N SER B 26 -30.90 -24.34 8.74
CA SER B 26 -32.25 -24.07 8.15
C SER B 26 -32.76 -22.66 8.47
N LYS B 27 -31.86 -21.73 8.92
CA LYS B 27 -32.25 -20.35 9.25
C LYS B 27 -31.91 -19.38 8.14
N THR B 28 -32.76 -18.36 7.94
CA THR B 28 -32.45 -17.31 6.95
C THR B 28 -31.36 -16.39 7.54
N PRO B 29 -30.57 -15.64 6.76
CA PRO B 29 -29.54 -14.80 7.38
C PRO B 29 -30.14 -13.74 8.33
N ILE B 30 -29.40 -13.41 9.39
CA ILE B 30 -29.79 -12.43 10.41
C ILE B 30 -29.10 -11.10 10.15
N LEU B 31 -29.91 -10.03 10.01
CA LEU B 31 -29.37 -8.68 9.78
C LEU B 31 -28.76 -8.18 11.08
N LYS B 32 -27.42 -8.01 11.12
CA LYS B 32 -26.67 -7.57 12.28
C LYS B 32 -26.54 -6.04 12.34
N SER B 33 -26.44 -5.38 11.15
CA SER B 33 -26.35 -3.92 11.01
C SER B 33 -26.55 -3.43 9.60
N PHE B 34 -27.05 -2.21 9.49
CA PHE B 34 -27.26 -1.56 8.22
C PHE B 34 -26.74 -0.13 8.38
N ILE B 35 -25.59 0.18 7.76
CA ILE B 35 -24.99 1.51 7.81
C ILE B 35 -25.16 2.19 6.44
N GLU B 36 -25.78 3.34 6.45
CA GLU B 36 -26.06 4.12 5.24
C GLU B 36 -25.03 5.23 5.10
N ASP B 37 -24.68 5.58 3.85
CA ASP B 37 -23.79 6.72 3.57
C ASP B 37 -24.64 7.59 2.68
N LYS B 38 -25.13 8.71 3.21
CA LYS B 38 -26.01 9.62 2.49
C LYS B 38 -25.35 10.27 1.30
N GLY B 39 -24.06 10.56 1.41
CA GLY B 39 -23.28 11.16 0.33
C GLY B 39 -23.09 10.27 -0.88
N THR B 40 -22.55 9.05 -0.65
CA THR B 40 -22.22 8.09 -1.71
C THR B 40 -23.39 7.16 -2.08
N ARG B 41 -24.39 7.03 -1.18
CA ARG B 41 -25.54 6.12 -1.30
C ARG B 41 -25.04 4.65 -1.41
N ILE B 42 -23.90 4.36 -0.77
CA ILE B 42 -23.33 3.03 -0.68
C ILE B 42 -23.61 2.55 0.74
N ASP B 43 -24.45 1.52 0.86
CA ASP B 43 -24.80 0.94 2.16
C ASP B 43 -23.91 -0.22 2.55
N GLU B 44 -23.68 -0.38 3.85
CA GLU B 44 -22.93 -1.50 4.40
C GLU B 44 -23.95 -2.37 5.15
N ILE B 45 -24.22 -3.57 4.61
CA ILE B 45 -25.17 -4.51 5.17
C ILE B 45 -24.43 -5.71 5.79
N THR B 46 -24.63 -5.95 7.09
CA THR B 46 -23.98 -7.05 7.79
C THR B 46 -24.98 -8.14 8.13
N PHE B 47 -24.63 -9.40 7.79
CA PHE B 47 -25.49 -10.56 8.05
C PHE B 47 -24.76 -11.68 8.71
N GLU B 48 -25.46 -12.37 9.62
CA GLU B 48 -24.95 -13.55 10.29
C GLU B 48 -25.74 -14.74 9.73
N SER B 49 -25.05 -15.80 9.30
CA SER B 49 -25.72 -17.01 8.79
C SER B 49 -24.78 -18.21 8.78
N ILE B 51 -24.41 -19.82 5.91
CA ILE B 51 -24.26 -19.86 4.45
C ILE B 51 -22.83 -19.33 4.13
N PRO B 52 -21.98 -20.15 3.48
CA PRO B 52 -20.61 -19.71 3.16
C PRO B 52 -20.58 -18.51 2.24
N ILE B 53 -19.51 -17.70 2.35
CA ILE B 53 -19.34 -16.53 1.49
C ILE B 53 -19.37 -16.90 -0.02
N GLU B 54 -18.86 -18.10 -0.40
CA GLU B 54 -18.85 -18.56 -1.80
C GLU B 54 -20.28 -18.72 -2.32
N THR B 55 -21.23 -19.17 -1.44
CA THR B 55 -22.63 -19.32 -1.80
C THR B 55 -23.27 -17.94 -1.95
N TRP B 56 -22.98 -17.01 -1.02
CA TRP B 56 -23.48 -15.64 -1.13
C TRP B 56 -23.10 -15.06 -2.50
N LYS B 57 -21.81 -15.20 -2.91
CA LYS B 57 -21.28 -14.69 -4.19
C LYS B 57 -21.97 -15.38 -5.38
N SER B 58 -22.14 -16.71 -5.33
CA SER B 58 -22.83 -17.41 -6.41
C SER B 58 -24.31 -16.98 -6.58
N TYR B 59 -24.95 -16.44 -5.49
CA TYR B 59 -26.35 -15.98 -5.45
C TYR B 59 -26.49 -14.48 -5.72
N ILE B 60 -25.39 -13.78 -6.04
CA ILE B 60 -25.45 -12.33 -6.33
C ILE B 60 -26.62 -11.96 -7.30
N PRO B 61 -26.82 -12.62 -8.48
CA PRO B 61 -27.95 -12.21 -9.34
C PRO B 61 -29.32 -12.28 -8.62
N GLN B 62 -29.58 -13.39 -7.89
CA GLN B 62 -30.84 -13.57 -7.15
C GLN B 62 -30.98 -12.58 -5.99
N LEU B 63 -29.90 -12.33 -5.24
CA LEU B 63 -29.93 -11.40 -4.12
C LEU B 63 -30.20 -9.97 -4.59
N GLN B 64 -29.60 -9.57 -5.72
CA GLN B 64 -29.83 -8.25 -6.34
C GLN B 64 -31.31 -8.06 -6.75
N THR B 65 -31.90 -9.04 -7.44
CA THR B 65 -33.30 -9.00 -7.86
C THR B 65 -34.28 -9.00 -6.67
N SER B 66 -34.12 -9.94 -5.74
CA SER B 66 -35.06 -10.06 -4.62
C SER B 66 -34.92 -8.97 -3.56
N LEU B 67 -33.72 -8.36 -3.38
CA LEU B 67 -33.55 -7.28 -2.39
C LEU B 67 -33.60 -5.89 -3.06
N ASN B 68 -33.66 -5.86 -4.41
CA ASN B 68 -33.68 -4.64 -5.21
C ASN B 68 -32.46 -3.78 -4.88
N ILE B 69 -31.27 -4.33 -5.12
CA ILE B 69 -30.00 -3.67 -4.83
C ILE B 69 -29.01 -4.06 -5.89
N SER B 70 -27.90 -3.31 -5.98
CA SER B 70 -26.77 -3.63 -6.82
C SER B 70 -25.65 -3.90 -5.82
N ILE B 71 -25.06 -5.09 -5.84
CA ILE B 71 -24.01 -5.47 -4.90
C ILE B 71 -22.66 -5.03 -5.48
N ILE B 72 -21.82 -4.42 -4.64
CA ILE B 72 -20.48 -3.96 -5.03
C ILE B 72 -19.45 -4.99 -4.58
N SER B 73 -19.59 -5.51 -3.35
CA SER B 73 -18.66 -6.51 -2.83
C SER B 73 -19.33 -7.24 -1.69
N ILE B 74 -18.84 -8.44 -1.41
CA ILE B 74 -19.23 -9.27 -0.26
C ILE B 74 -17.89 -9.68 0.34
N GLU B 75 -17.69 -9.44 1.64
CA GLU B 75 -16.44 -9.72 2.34
C GLU B 75 -16.77 -10.47 3.62
N GLN B 76 -15.86 -11.34 4.10
CA GLN B 76 -16.08 -12.05 5.34
C GLN B 76 -15.82 -11.07 6.51
N GLY B 77 -16.71 -11.08 7.50
CA GLY B 77 -16.57 -10.26 8.71
C GLY B 77 -15.66 -10.91 9.72
N ALA B 78 -16.00 -10.75 11.02
CA ALA B 78 -15.28 -11.26 12.19
C ALA B 78 -15.19 -12.79 12.30
N SER B 79 -16.10 -13.49 11.62
CA SER B 79 -16.11 -14.95 11.62
C SER B 79 -16.58 -15.46 10.27
N LYS B 80 -16.52 -16.78 10.04
CA LYS B 80 -16.99 -17.42 8.80
C LYS B 80 -18.53 -17.38 8.70
N ARG B 81 -19.21 -16.97 9.80
CA ARG B 81 -20.66 -16.83 9.88
C ARG B 81 -21.10 -15.40 9.53
N ILE B 82 -20.15 -14.46 9.38
CA ILE B 82 -20.53 -13.09 9.09
C ILE B 82 -20.04 -12.63 7.72
N VAL B 83 -20.93 -12.02 6.92
CA VAL B 83 -20.62 -11.40 5.62
C VAL B 83 -20.95 -9.90 5.70
N ILE B 84 -20.13 -9.10 5.06
CA ILE B 84 -20.30 -7.64 4.97
C ILE B 84 -20.55 -7.30 3.50
N ILE B 85 -21.72 -6.73 3.19
CA ILE B 85 -22.10 -6.39 1.83
C ILE B 85 -22.07 -4.89 1.62
N LYS B 86 -21.38 -4.42 0.56
CA LYS B 86 -21.40 -3.01 0.19
C LYS B 86 -22.36 -3.01 -0.98
N SER B 87 -23.41 -2.18 -0.93
CA SER B 87 -24.42 -2.20 -1.97
C SER B 87 -25.05 -0.84 -2.19
N ALA B 89 -28.94 0.92 -3.20
CA ALA B 89 -30.37 0.65 -3.40
C ALA B 89 -30.73 0.85 -4.88
N GLY B 90 -31.70 0.09 -5.35
CA GLY B 90 -32.19 0.15 -6.74
C GLY B 90 -32.65 1.52 -7.18
N ASP B 91 -33.06 2.39 -6.21
CA ASP B 91 -33.52 3.75 -6.44
C ASP B 91 -32.35 4.79 -6.54
N ALA B 92 -31.10 4.39 -6.20
CA ALA B 92 -29.94 5.29 -6.25
C ALA B 92 -29.35 5.28 -7.67
N LYS B 93 -30.12 5.85 -8.62
CA LYS B 93 -29.77 5.87 -10.04
C LYS B 93 -28.82 7.01 -10.46
N ILE B 94 -27.76 6.62 -11.18
CA ILE B 94 -26.75 7.50 -11.77
C ILE B 94 -26.41 6.92 -13.13
N PRO B 95 -26.28 7.73 -14.21
CA PRO B 95 -25.92 7.14 -15.51
C PRO B 95 -24.57 6.42 -15.52
N LYS B 96 -24.32 5.65 -16.58
CA LYS B 96 -23.06 4.90 -16.75
C LYS B 96 -22.27 5.52 -17.89
N TYR B 97 -22.94 6.35 -18.69
CA TYR B 97 -22.32 7.07 -19.79
C TYR B 97 -23.02 8.41 -19.84
N LEU B 98 -22.24 9.48 -19.84
CA LEU B 98 -22.72 10.85 -19.80
C LEU B 98 -21.80 11.65 -20.73
N PRO B 99 -22.09 11.71 -22.05
CA PRO B 99 -21.18 12.42 -22.96
C PRO B 99 -21.17 13.94 -22.72
N TRP B 100 -20.01 14.59 -22.93
CA TRP B 100 -19.94 16.02 -22.79
C TRP B 100 -20.79 16.66 -23.87
N ASP B 101 -21.35 17.83 -23.55
CA ASP B 101 -22.17 18.64 -24.44
C ASP B 101 -22.06 20.10 -23.95
N ASP B 102 -21.83 21.04 -24.87
CA ASP B 102 -21.69 22.47 -24.54
C ASP B 102 -22.95 23.09 -23.92
N LYS B 103 -24.10 22.40 -23.91
CA LYS B 103 -25.32 22.84 -23.21
C LYS B 103 -25.07 22.96 -21.66
N TYR B 104 -24.05 22.24 -21.13
CA TYR B 104 -23.69 22.26 -19.71
C TYR B 104 -22.81 23.44 -19.31
N ILE B 105 -22.20 24.15 -20.27
CA ILE B 105 -21.32 25.29 -19.96
C ILE B 105 -22.04 26.35 -19.08
N GLU B 106 -21.39 26.79 -18.01
CA GLU B 106 -21.99 27.79 -17.11
C GLU B 106 -21.70 29.18 -17.64
N GLU B 107 -22.65 30.10 -17.47
CA GLU B 107 -22.46 31.49 -17.87
C GLU B 107 -21.53 32.23 -16.89
N GLN B 108 -21.61 31.90 -15.58
CA GLN B 108 -20.79 32.56 -14.55
C GLN B 108 -19.33 32.14 -14.67
N GLU B 109 -18.42 33.11 -14.82
CA GLU B 109 -16.99 32.86 -14.98
C GLU B 109 -16.40 32.11 -13.76
N GLY B 110 -15.62 31.08 -14.03
CA GLY B 110 -14.98 30.27 -13.00
C GLY B 110 -15.83 29.14 -12.46
N VAL B 111 -17.09 28.99 -12.95
CA VAL B 111 -17.96 27.87 -12.53
C VAL B 111 -17.86 26.79 -13.59
N VAL B 112 -17.59 25.54 -13.14
CA VAL B 112 -17.44 24.39 -14.04
C VAL B 112 -18.33 23.25 -13.54
N VAL B 113 -18.73 22.38 -14.44
CA VAL B 113 -19.60 21.21 -14.15
C VAL B 113 -18.77 19.96 -14.48
N VAL B 114 -18.68 19.02 -13.54
CA VAL B 114 -17.79 17.87 -13.78
C VAL B 114 -18.55 16.57 -14.05
N GLY B 115 -19.83 16.54 -13.74
CA GLY B 115 -20.64 15.35 -13.94
C GLY B 115 -21.99 15.39 -13.25
N GLN B 116 -22.66 14.23 -13.19
CA GLN B 116 -23.99 14.18 -12.62
C GLN B 116 -24.01 13.28 -11.41
N THR B 117 -24.63 13.78 -10.36
CA THR B 117 -24.84 13.01 -9.13
C THR B 117 -26.34 12.56 -9.08
N PHE B 118 -26.88 12.14 -7.90
CA PHE B 118 -28.24 11.58 -7.74
C PHE B 118 -29.33 12.59 -8.05
N SER B 119 -29.19 13.81 -7.53
CA SER B 119 -30.11 14.90 -7.84
C SER B 119 -29.24 16.08 -8.29
N GLY B 120 -29.22 16.33 -9.60
CA GLY B 120 -28.47 17.43 -10.19
C GLY B 120 -27.06 17.09 -10.60
N ASN B 121 -26.32 18.14 -10.97
CA ASN B 121 -24.94 18.06 -11.45
C ASN B 121 -23.94 18.51 -10.42
N ILE B 122 -22.68 18.06 -10.50
CA ILE B 122 -21.66 18.51 -9.56
C ILE B 122 -20.99 19.74 -10.19
N LYS B 123 -21.06 20.87 -9.52
CA LYS B 123 -20.46 22.12 -9.98
C LYS B 123 -19.39 22.60 -9.02
N ILE B 124 -18.27 23.13 -9.56
CA ILE B 124 -17.16 23.67 -8.78
C ILE B 124 -17.06 25.17 -9.10
N ASP B 125 -16.97 26.03 -8.07
CA ASP B 125 -16.79 27.46 -8.31
C ASP B 125 -15.35 27.75 -7.96
N LEU B 126 -14.52 28.02 -8.98
CA LEU B 126 -13.10 28.23 -8.75
C LEU B 126 -12.77 29.49 -7.96
N ASN B 127 -13.74 30.41 -7.85
CA ASN B 127 -13.58 31.66 -7.09
C ASN B 127 -13.63 31.36 -5.60
N LYS B 128 -14.31 30.26 -5.22
CA LYS B 128 -14.43 29.79 -3.84
C LYS B 128 -13.47 28.64 -3.54
N SER B 129 -13.30 27.66 -4.47
CA SER B 129 -12.42 26.49 -4.23
C SER B 129 -11.50 26.43 -5.44
N PRO B 130 -10.32 27.09 -5.30
CA PRO B 130 -9.47 27.37 -6.48
C PRO B 130 -8.59 26.28 -7.05
N HIS B 131 -8.35 25.19 -6.34
CA HIS B 131 -7.48 24.14 -6.85
C HIS B 131 -8.20 22.81 -6.81
N ILE B 132 -7.92 21.95 -7.82
CA ILE B 132 -8.54 20.63 -7.96
C ILE B 132 -7.51 19.51 -8.05
N LEU B 133 -7.69 18.43 -7.26
CA LEU B 133 -6.86 17.23 -7.40
C LEU B 133 -7.81 16.11 -7.94
N SER B 134 -7.46 15.48 -9.07
CA SER B 134 -8.22 14.39 -9.70
C SER B 134 -7.35 13.14 -9.68
N ALA B 135 -7.75 12.11 -8.91
CA ALA B 135 -6.97 10.89 -8.81
C ALA B 135 -7.66 9.69 -9.39
N GLY B 136 -6.90 8.84 -10.06
CA GLY B 136 -7.48 7.63 -10.62
C GLY B 136 -6.47 6.79 -11.36
N GLU B 137 -6.80 5.52 -11.54
CA GLU B 137 -5.96 4.57 -12.25
C GLU B 137 -5.98 4.87 -13.74
N THR B 138 -4.98 4.35 -14.49
CA THR B 138 -4.89 4.57 -15.94
C THR B 138 -6.19 4.09 -16.60
N GLY B 139 -6.77 4.93 -17.46
CA GLY B 139 -8.05 4.64 -18.10
C GLY B 139 -9.28 4.87 -17.25
N SER B 140 -9.15 5.40 -16.02
CA SER B 140 -10.29 5.71 -15.14
C SER B 140 -11.11 6.92 -15.64
N GLY B 141 -10.48 7.77 -16.44
CA GLY B 141 -11.08 9.02 -16.89
C GLY B 141 -10.71 10.20 -16.00
N LYS B 142 -9.73 10.03 -15.09
CA LYS B 142 -9.34 11.13 -14.18
C LYS B 142 -8.73 12.31 -14.98
N SER B 143 -8.05 12.03 -16.11
CA SER B 143 -7.43 13.07 -16.96
C SER B 143 -8.44 13.68 -17.90
N VAL B 144 -9.46 12.89 -18.30
CA VAL B 144 -10.59 13.31 -19.13
C VAL B 144 -11.34 14.45 -18.38
N ILE B 145 -11.56 14.27 -17.05
CA ILE B 145 -12.20 15.27 -16.19
C ILE B 145 -11.43 16.62 -16.27
N LEU B 146 -10.09 16.56 -16.22
CA LEU B 146 -9.26 17.76 -16.30
C LEU B 146 -9.37 18.44 -17.65
N ARG B 147 -9.44 17.66 -18.74
CA ARG B 147 -9.59 18.22 -20.10
C ARG B 147 -10.99 18.86 -20.29
N CYS B 148 -12.00 18.27 -19.67
CA CYS B 148 -13.38 18.78 -19.68
C CYS B 148 -13.45 20.12 -18.89
N ILE B 149 -12.79 20.22 -17.72
CA ILE B 149 -12.72 21.44 -16.92
C ILE B 149 -11.95 22.47 -17.74
N LEU B 150 -10.81 22.06 -18.34
CA LEU B 150 -9.98 22.92 -19.21
C LEU B 150 -10.84 23.52 -20.32
N TRP B 151 -11.63 22.69 -21.02
CA TRP B 151 -12.50 23.13 -22.13
C TRP B 151 -13.47 24.25 -21.66
N GLN B 152 -14.16 24.03 -20.54
CA GLN B 152 -15.11 25.03 -20.00
C GLN B 152 -14.46 26.38 -19.71
N LEU B 153 -13.25 26.37 -19.11
CA LEU B 153 -12.55 27.59 -18.76
C LEU B 153 -12.00 28.31 -19.99
N LEU B 154 -11.53 27.57 -21.00
CA LEU B 154 -11.05 28.17 -22.26
C LEU B 154 -12.23 28.88 -22.95
N LYS B 155 -13.40 28.23 -22.93
CA LYS B 155 -14.65 28.71 -23.49
C LYS B 155 -15.13 30.01 -22.78
N GLN B 156 -14.69 30.23 -21.53
CA GLN B 156 -14.94 31.44 -20.70
C GLN B 156 -13.81 32.46 -20.85
N GLY B 157 -12.83 32.16 -21.70
CA GLY B 157 -11.74 33.07 -22.00
C GLY B 157 -10.49 33.03 -21.14
N ALA B 158 -10.25 31.91 -20.45
CA ALA B 158 -9.04 31.72 -19.63
C ALA B 158 -7.77 31.47 -20.48
N ILE B 159 -6.59 31.78 -19.91
CA ILE B 159 -5.23 31.50 -20.45
C ILE B 159 -4.91 30.09 -19.88
N ALA B 160 -4.33 29.19 -20.69
CA ALA B 160 -4.03 27.86 -20.21
C ALA B 160 -2.59 27.48 -20.36
N TYR B 161 -2.12 26.71 -19.38
CA TYR B 161 -0.77 26.14 -19.42
C TYR B 161 -0.99 24.69 -19.08
N VAL B 163 0.94 21.00 -18.43
CA VAL B 163 2.23 20.35 -18.11
C VAL B 163 2.18 18.86 -18.42
N ASP B 164 3.00 18.42 -19.38
CA ASP B 164 3.05 17.00 -19.77
C ASP B 164 4.49 16.60 -20.17
N PHE B 165 5.21 15.93 -19.28
CA PHE B 165 6.60 15.49 -19.51
C PHE B 165 6.70 14.27 -20.44
N LYS B 166 5.56 13.74 -20.92
CA LYS B 166 5.51 12.60 -21.86
C LYS B 166 5.61 13.08 -23.32
N GLY B 167 6.27 14.22 -23.52
CA GLY B 167 6.51 14.85 -24.82
C GLY B 167 5.28 15.37 -25.53
N GLY B 168 4.27 15.75 -24.75
CA GLY B 168 3.02 16.29 -25.28
C GLY B 168 2.16 15.26 -25.99
N VAL B 169 2.24 14.00 -25.54
CA VAL B 169 1.44 12.90 -26.10
C VAL B 169 -0.01 12.96 -25.58
N GLU B 170 -0.22 13.54 -24.37
CA GLU B 170 -1.54 13.72 -23.77
C GLU B 170 -2.21 15.06 -24.16
N PHE B 171 -1.42 16.00 -24.73
CA PHE B 171 -1.90 17.29 -25.21
C PHE B 171 -1.23 17.56 -26.57
N GLY B 172 -1.89 17.06 -27.63
CA GLY B 172 -1.41 17.16 -29.00
C GLY B 172 -1.35 18.56 -29.61
N LEU B 173 -1.08 18.62 -30.92
CA LEU B 173 -0.99 19.86 -31.69
C LEU B 173 -2.27 20.70 -31.52
N GLU B 174 -3.42 20.03 -31.32
CA GLU B 174 -4.69 20.73 -31.12
C GLU B 174 -4.62 21.66 -29.90
N TYR B 175 -4.07 21.17 -28.77
CA TYR B 175 -3.95 21.92 -27.52
C TYR B 175 -2.95 23.07 -27.62
N GLU B 176 -1.89 22.90 -28.43
CA GLU B 176 -0.85 23.91 -28.66
C GLU B 176 -1.43 25.19 -29.29
N LYS B 177 -2.58 25.09 -29.98
CA LYS B 177 -3.26 26.24 -30.59
C LYS B 177 -3.90 27.18 -29.54
N VAL B 178 -4.31 26.66 -28.36
CA VAL B 178 -5.01 27.46 -27.35
C VAL B 178 -4.16 27.79 -26.11
N GLY B 179 -2.96 27.24 -26.05
CA GLY B 179 -2.04 27.52 -24.95
C GLY B 179 -0.70 26.84 -25.10
N GLN B 180 0.12 26.98 -24.08
CA GLN B 180 1.47 26.47 -24.05
C GLN B 180 1.48 25.11 -23.38
N VAL B 181 2.05 24.15 -24.05
CA VAL B 181 2.22 22.76 -23.60
C VAL B 181 3.68 22.71 -23.21
N ILE B 182 3.91 22.50 -21.89
CA ILE B 182 5.21 22.46 -21.21
C ILE B 182 5.59 20.99 -21.09
N THR B 183 6.73 20.63 -21.69
CA THR B 183 7.13 19.22 -21.77
C THR B 183 8.47 18.90 -21.11
N GLU B 184 9.21 19.92 -20.69
CA GLU B 184 10.54 19.75 -20.09
C GLU B 184 10.65 20.44 -18.73
N VAL B 185 11.54 19.92 -17.84
CA VAL B 185 11.82 20.47 -16.51
C VAL B 185 12.16 21.99 -16.56
N ASP B 186 13.12 22.42 -17.41
CA ASP B 186 13.52 23.83 -17.54
C ASP B 186 12.33 24.77 -17.86
N ALA B 187 11.46 24.38 -18.81
CA ALA B 187 10.29 25.18 -19.18
C ALA B 187 9.25 25.15 -18.05
N ALA B 188 9.21 24.05 -17.27
CA ALA B 188 8.32 23.93 -16.13
C ALA B 188 8.79 24.83 -14.99
N GLU B 189 10.12 24.93 -14.77
CA GLU B 189 10.69 25.81 -13.75
C GLU B 189 10.38 27.29 -14.08
N LYS B 190 10.51 27.68 -15.35
CA LYS B 190 10.21 29.04 -15.80
C LYS B 190 8.72 29.34 -15.61
N LEU B 191 7.86 28.38 -15.97
CA LEU B 191 6.43 28.54 -15.85
C LEU B 191 6.01 28.82 -14.43
N PHE B 192 6.41 27.96 -13.48
CA PHE B 192 6.00 28.10 -12.09
C PHE B 192 6.61 29.33 -11.41
N LYS B 193 7.80 29.79 -11.85
CA LYS B 193 8.40 31.00 -11.31
C LYS B 193 7.60 32.19 -11.80
N TYR B 194 7.21 32.16 -13.08
CA TYR B 194 6.39 33.23 -13.65
C TYR B 194 5.05 33.27 -12.90
N LEU B 195 4.38 32.11 -12.71
CA LEU B 195 3.06 32.07 -12.02
C LEU B 195 3.13 32.61 -10.60
N VAL B 196 4.21 32.31 -9.86
CA VAL B 196 4.43 32.86 -8.51
C VAL B 196 4.55 34.40 -8.58
N ASP B 197 5.32 34.93 -9.56
CA ASP B 197 5.49 36.39 -9.71
C ASP B 197 4.20 37.06 -10.19
N GLU B 198 3.42 36.35 -11.03
CA GLU B 198 2.14 36.82 -11.57
C GLU B 198 1.13 36.90 -10.43
N ASN B 199 1.14 35.87 -9.55
CA ASN B 199 0.30 35.83 -8.37
C ASN B 199 0.57 37.06 -7.48
N ALA B 200 1.87 37.33 -7.16
CA ALA B 200 2.27 38.46 -6.32
C ALA B 200 1.88 39.80 -6.93
N LYS B 201 1.96 39.93 -8.26
CA LYS B 201 1.58 41.14 -8.99
C LYS B 201 0.07 41.34 -8.92
N ARG B 202 -0.71 40.25 -9.08
CA ARG B 202 -2.16 40.31 -8.98
C ARG B 202 -2.61 40.64 -7.56
N LEU B 203 -1.94 40.08 -6.53
CA LEU B 203 -2.29 40.41 -5.14
C LEU B 203 -2.12 41.89 -4.89
N LYS B 204 -1.03 42.47 -5.43
CA LYS B 204 -0.71 43.88 -5.33
C LYS B 204 -1.77 44.75 -6.03
N LEU B 205 -2.23 44.35 -7.25
CA LEU B 205 -3.29 45.11 -7.97
C LEU B 205 -4.60 45.04 -7.22
N LEU B 206 -4.91 43.89 -6.62
CA LEU B 206 -6.13 43.69 -5.85
C LEU B 206 -6.10 44.61 -4.62
N ARG B 207 -5.00 44.56 -3.83
CA ARG B 207 -4.90 45.40 -2.65
C ARG B 207 -4.96 46.90 -2.96
N GLU B 208 -4.12 47.39 -3.89
CA GLU B 208 -4.10 48.82 -4.22
C GLU B 208 -5.44 49.35 -4.82
N SER B 209 -6.27 48.48 -5.40
CA SER B 209 -7.58 48.87 -5.96
C SER B 209 -8.74 48.68 -4.96
N GLY B 210 -8.41 48.24 -3.74
CA GLY B 210 -9.39 47.96 -2.71
C GLY B 210 -10.26 46.75 -3.02
N SER B 211 -9.74 45.80 -3.83
CA SER B 211 -10.43 44.59 -4.25
C SER B 211 -9.99 43.38 -3.40
N LYS B 212 -10.94 42.45 -3.18
CA LYS B 212 -10.71 41.22 -2.42
C LYS B 212 -10.33 40.05 -3.32
N ASN B 213 -10.82 40.05 -4.57
CA ASN B 213 -10.57 38.94 -5.52
C ASN B 213 -10.68 39.44 -6.94
N ILE B 214 -10.24 38.62 -7.92
CA ILE B 214 -10.26 38.89 -9.36
C ILE B 214 -11.65 39.37 -9.89
N GLY B 215 -12.72 38.77 -9.38
CA GLY B 215 -14.10 39.10 -9.75
C GLY B 215 -14.44 40.54 -9.43
N GLU B 216 -14.07 41.00 -8.23
CA GLU B 216 -14.26 42.37 -7.74
C GLU B 216 -13.41 43.35 -8.56
N TYR B 217 -12.16 43.00 -8.87
CA TYR B 217 -11.25 43.83 -9.67
C TYR B 217 -11.76 44.07 -11.09
N ASN B 218 -12.22 42.99 -11.75
CA ASN B 218 -12.69 42.98 -13.14
C ASN B 218 -13.91 43.85 -13.39
N LYS B 219 -14.87 43.88 -12.44
CA LYS B 219 -16.05 44.75 -12.59
C LYS B 219 -15.74 46.24 -12.31
N LYS B 220 -14.60 46.55 -11.65
CA LYS B 220 -14.15 47.92 -11.35
C LYS B 220 -13.41 48.52 -12.54
N PHE B 221 -12.71 47.66 -13.30
CA PHE B 221 -11.90 48.08 -14.44
C PHE B 221 -12.55 47.68 -15.76
N GLU B 222 -12.94 48.70 -16.56
CA GLU B 222 -13.60 48.54 -17.86
C GLU B 222 -12.63 47.98 -18.90
N GLY B 223 -11.67 48.80 -19.34
CA GLY B 223 -10.64 48.44 -20.31
C GLY B 223 -9.71 47.35 -19.81
N GLU B 224 -9.14 47.55 -18.60
CA GLU B 224 -8.27 46.60 -17.92
C GLU B 224 -9.14 45.45 -17.36
N GLU B 225 -8.62 44.22 -17.39
CA GLU B 225 -9.23 43.00 -16.86
C GLU B 225 -8.16 41.95 -16.68
N LEU B 226 -8.26 41.20 -15.58
CA LEU B 226 -7.32 40.11 -15.32
C LEU B 226 -8.00 38.86 -15.84
N LYS B 227 -7.27 38.08 -16.61
CA LYS B 227 -7.82 36.83 -17.15
C LYS B 227 -7.50 35.71 -16.23
N ARG B 228 -8.42 34.73 -16.14
CA ARG B 228 -8.17 33.52 -15.36
C ARG B 228 -7.03 32.73 -16.00
N ILE B 229 -6.14 32.17 -15.18
CA ILE B 229 -5.06 31.31 -15.67
C ILE B 229 -5.33 29.92 -15.14
N ILE B 230 -5.42 28.96 -16.05
CA ILE B 230 -5.61 27.55 -15.68
C ILE B 230 -4.31 26.77 -15.98
N VAL B 231 -3.73 26.13 -14.94
CA VAL B 231 -2.53 25.29 -15.08
C VAL B 231 -2.96 23.85 -14.89
N VAL B 232 -2.87 23.02 -15.96
CA VAL B 232 -3.25 21.61 -15.89
C VAL B 232 -1.97 20.79 -15.79
N ILE B 233 -1.79 20.10 -14.66
CA ILE B 233 -0.67 19.22 -14.43
C ILE B 233 -1.23 17.81 -14.63
N ASP B 234 -0.92 17.21 -15.79
CA ASP B 234 -1.43 15.88 -16.19
C ASP B 234 -1.01 14.76 -15.22
N GLU B 235 0.23 14.77 -14.73
CA GLU B 235 0.68 13.78 -13.76
C GLU B 235 1.62 14.42 -12.79
N LEU B 236 1.15 14.54 -11.56
CA LEU B 236 1.91 15.14 -10.48
C LEU B 236 3.24 14.44 -10.20
N ALA B 237 3.33 13.12 -10.43
CA ALA B 237 4.60 12.43 -10.15
C ALA B 237 5.79 12.91 -11.00
N GLU B 238 5.53 13.54 -12.17
CA GLU B 238 6.58 14.09 -13.06
C GLU B 238 7.27 15.32 -12.43
N LEU B 239 6.58 15.99 -11.51
CA LEU B 239 7.08 17.16 -10.79
C LEU B 239 7.51 16.80 -9.37
N ASP B 241 8.13 13.25 -8.08
CA ASP B 241 9.03 12.11 -7.94
C ASP B 241 10.41 12.49 -8.44
N LYS B 242 11.35 12.70 -7.48
CA LYS B 242 12.74 13.06 -7.73
C LYS B 242 13.62 11.79 -7.86
N THR B 243 12.96 10.62 -8.01
CA THR B 243 13.59 9.30 -8.18
C THR B 243 14.22 9.24 -9.58
N GLY B 244 15.40 8.63 -9.68
CA GLY B 244 16.08 8.39 -10.95
C GLY B 244 16.78 9.55 -11.62
N VAL B 245 16.29 10.79 -11.39
CA VAL B 245 16.84 12.02 -12.00
C VAL B 245 18.22 12.39 -11.47
N ASP B 246 19.02 13.10 -12.29
CA ASP B 246 20.35 13.57 -11.89
C ASP B 246 20.24 14.79 -10.97
N ASP B 247 21.33 15.14 -10.29
CA ASP B 247 21.40 16.22 -9.31
C ASP B 247 20.92 17.56 -9.84
N GLU B 248 21.30 17.93 -11.08
CA GLU B 248 20.88 19.18 -11.72
C GLU B 248 19.35 19.21 -11.87
N THR B 249 18.75 18.12 -12.40
CA THR B 249 17.31 17.98 -12.61
C THR B 249 16.60 17.99 -11.27
N ARG B 250 17.17 17.28 -10.28
CA ARG B 250 16.64 17.20 -8.91
C ARG B 250 16.48 18.61 -8.29
N ALA B 251 17.51 19.49 -8.43
CA ALA B 251 17.46 20.84 -7.88
C ALA B 251 16.34 21.69 -8.51
N LYS B 252 16.08 21.50 -9.82
CA LYS B 252 15.00 22.19 -10.53
C LYS B 252 13.64 21.71 -10.03
N LEU B 253 13.51 20.38 -9.81
CA LEU B 253 12.28 19.80 -9.29
C LEU B 253 11.97 20.27 -7.86
N VAL B 254 13.01 20.45 -7.02
CA VAL B 254 12.87 20.94 -5.65
C VAL B 254 12.35 22.39 -5.72
N ARG B 255 12.94 23.22 -6.62
CA ARG B 255 12.46 24.59 -6.84
C ARG B 255 11.02 24.61 -7.34
N ILE B 256 10.62 23.70 -8.27
CA ILE B 256 9.24 23.64 -8.79
C ILE B 256 8.27 23.30 -7.64
N GLU B 257 8.63 22.34 -6.78
CA GLU B 257 7.81 21.94 -5.63
C GLU B 257 7.53 23.16 -4.71
N GLY B 258 8.54 23.99 -4.48
CA GLY B 258 8.42 25.21 -3.70
C GLY B 258 7.42 26.18 -4.35
N TYR B 259 7.52 26.37 -5.69
CA TYR B 259 6.64 27.26 -6.44
C TYR B 259 5.18 26.83 -6.38
N THR B 260 4.91 25.55 -6.64
CA THR B 260 3.55 24.96 -6.66
C THR B 260 2.89 25.10 -5.27
N SER B 261 3.69 24.96 -4.20
CA SER B 261 3.30 25.09 -2.81
C SER B 261 2.86 26.53 -2.50
N THR B 262 3.63 27.52 -2.98
CA THR B 262 3.33 28.95 -2.81
C THR B 262 2.00 29.26 -3.49
N LEU B 263 1.77 28.71 -4.72
CA LEU B 263 0.54 28.93 -5.48
C LEU B 263 -0.67 28.29 -4.80
N ALA B 264 -0.55 27.04 -4.38
CA ALA B 264 -1.64 26.33 -3.72
C ALA B 264 -2.08 27.06 -2.42
N ARG B 265 -1.15 27.66 -1.68
CA ARG B 265 -1.54 28.32 -0.46
C ARG B 265 -1.88 29.82 -0.61
N LEU B 266 -1.32 30.54 -1.60
CA LEU B 266 -1.48 31.98 -1.75
C LEU B 266 -2.27 32.49 -2.95
N SER B 267 -2.60 31.62 -3.93
CA SER B 267 -3.24 32.00 -5.21
C SER B 267 -4.80 32.06 -5.27
N ARG B 268 -5.45 31.84 -4.13
CA ARG B 268 -6.88 31.80 -3.88
C ARG B 268 -7.73 32.92 -4.50
N ALA B 269 -7.23 34.17 -4.45
CA ALA B 269 -7.98 35.36 -4.90
C ALA B 269 -7.61 35.89 -6.29
N THR B 270 -6.52 35.39 -6.89
CA THR B 270 -5.96 35.95 -8.12
C THR B 270 -6.39 35.31 -9.43
N GLY B 271 -7.25 34.31 -9.38
CA GLY B 271 -7.70 33.64 -10.61
C GLY B 271 -6.61 32.83 -11.26
N ILE B 272 -5.75 32.20 -10.45
CA ILE B 272 -4.71 31.28 -10.91
C ILE B 272 -5.06 29.91 -10.30
N ASN B 273 -5.49 28.97 -11.16
CA ASN B 273 -6.00 27.66 -10.72
C ASN B 273 -5.18 26.46 -11.19
N LEU B 274 -4.87 25.57 -10.25
CA LEU B 274 -4.13 24.35 -10.52
C LEU B 274 -5.09 23.18 -10.57
N CYS B 275 -5.12 22.44 -11.69
CA CYS B 275 -5.93 21.23 -11.89
C CYS B 275 -4.90 20.13 -12.07
N ILE B 276 -4.76 19.29 -11.03
CA ILE B 276 -3.71 18.27 -10.93
C ILE B 276 -4.28 16.86 -11.05
N GLY B 277 -3.70 16.10 -11.92
CA GLY B 277 -4.03 14.69 -12.08
C GLY B 277 -2.99 13.84 -11.39
N VAL B 278 -3.43 12.75 -10.78
CA VAL B 278 -2.50 11.86 -10.11
C VAL B 278 -2.95 10.40 -10.34
N GLN B 279 -2.08 9.61 -10.96
CA GLN B 279 -2.36 8.22 -11.25
C GLN B 279 -2.11 7.32 -10.05
N ARG B 280 -1.02 7.57 -9.32
CA ARG B 280 -0.62 6.74 -8.19
C ARG B 280 -0.47 7.56 -6.94
N PRO B 281 -1.56 7.72 -6.17
CA PRO B 281 -1.46 8.54 -4.95
C PRO B 281 -0.70 7.82 -3.86
N ASP B 282 0.43 8.39 -3.45
CA ASP B 282 1.29 7.94 -2.35
C ASP B 282 1.93 9.18 -1.69
N ALA B 283 2.56 9.02 -0.50
CA ALA B 283 3.26 10.08 0.26
C ALA B 283 4.44 10.69 -0.47
N LYS B 284 5.02 9.97 -1.42
CA LYS B 284 6.13 10.47 -2.25
C LYS B 284 5.59 11.56 -3.24
N VAL B 285 4.36 11.37 -3.77
CA VAL B 285 3.78 12.28 -4.77
C VAL B 285 2.84 13.32 -4.12
N ILE B 286 1.88 12.89 -3.29
CA ILE B 286 0.97 13.82 -2.62
C ILE B 286 1.59 14.20 -1.29
N THR B 287 2.28 15.35 -1.33
CA THR B 287 3.00 15.89 -0.18
C THR B 287 2.25 17.10 0.38
N GLY B 288 2.34 17.27 1.71
CA GLY B 288 1.77 18.32 2.55
C GLY B 288 1.11 19.50 1.86
N GLN B 289 1.90 20.24 1.08
CA GLN B 289 1.47 21.38 0.27
C GLN B 289 0.15 21.13 -0.52
N ILE B 290 0.11 20.04 -1.29
CA ILE B 290 -1.02 19.60 -2.11
C ILE B 290 -1.99 18.85 -1.20
N LYS B 291 -1.46 17.99 -0.32
CA LYS B 291 -2.19 17.21 0.69
C LYS B 291 -3.17 18.03 1.50
N ASN B 292 -2.94 19.34 1.70
CA ASN B 292 -3.90 20.10 2.50
C ASN B 292 -4.20 21.55 2.03
N ASN B 293 -3.79 21.95 0.80
CA ASN B 293 -4.15 23.27 0.28
C ASN B 293 -4.87 23.19 -1.10
N VAL B 294 -5.15 21.96 -1.58
CA VAL B 294 -5.93 21.73 -2.79
C VAL B 294 -7.31 21.25 -2.23
N PRO B 295 -8.35 22.11 -2.22
CA PRO B 295 -9.61 21.72 -1.56
C PRO B 295 -10.51 20.75 -2.31
N VAL B 296 -10.52 20.80 -3.66
CA VAL B 296 -11.38 19.90 -4.43
C VAL B 296 -10.70 18.55 -4.65
N ARG B 297 -11.35 17.49 -4.18
CA ARG B 297 -10.81 16.15 -4.33
C ARG B 297 -11.75 15.33 -5.15
N ILE B 298 -11.25 14.78 -6.24
CA ILE B 298 -11.99 13.91 -7.14
C ILE B 298 -11.22 12.61 -7.10
N CYS B 299 -11.88 11.50 -6.73
CA CYS B 299 -11.13 10.25 -6.63
C CYS B 299 -11.81 9.08 -7.34
N GLY B 300 -11.05 8.39 -8.17
CA GLY B 300 -11.51 7.18 -8.86
C GLY B 300 -11.43 5.99 -7.93
N ARG B 301 -11.82 4.82 -8.44
CA ARG B 301 -11.80 3.58 -7.66
C ARG B 301 -10.36 3.12 -7.47
N PHE B 302 -9.99 2.87 -6.22
CA PHE B 302 -8.70 2.33 -5.87
C PHE B 302 -8.91 1.11 -5.00
N ALA B 303 -8.36 -0.05 -5.38
CA ALA B 303 -8.46 -1.30 -4.61
C ALA B 303 -7.87 -1.12 -3.21
N ASP B 304 -6.70 -0.47 -3.09
CA ASP B 304 -6.09 -0.26 -1.79
C ASP B 304 -6.68 0.96 -1.07
N SER B 305 -7.00 0.76 0.21
CA SER B 305 -7.57 1.73 1.12
C SER B 305 -6.66 2.97 1.36
N LYS B 306 -5.32 2.80 1.25
CA LYS B 306 -4.32 3.86 1.47
C LYS B 306 -4.36 4.98 0.41
N ALA B 307 -4.63 4.62 -0.85
CA ALA B 307 -4.74 5.58 -1.95
C ALA B 307 -5.94 6.50 -1.68
N SER B 308 -7.08 5.91 -1.22
CA SER B 308 -8.29 6.64 -0.89
C SER B 308 -8.04 7.59 0.29
N GLU B 309 -7.31 7.12 1.31
CA GLU B 309 -6.96 7.87 2.51
C GLU B 309 -6.16 9.12 2.16
N ILE B 310 -5.15 8.98 1.28
CA ILE B 310 -4.34 10.13 0.87
C ILE B 310 -5.20 11.21 0.14
N VAL B 311 -6.14 10.79 -0.70
CA VAL B 311 -6.93 11.74 -1.51
C VAL B 311 -8.15 12.31 -0.80
N LEU B 312 -8.92 11.45 -0.09
CA LEU B 312 -10.21 11.80 0.52
C LEU B 312 -10.20 11.89 2.03
N SER B 313 -9.18 11.34 2.68
CA SER B 313 -9.03 11.21 4.15
C SER B 313 -10.14 10.30 4.73
N ASN B 314 -10.52 9.30 3.93
CA ASN B 314 -11.49 8.26 4.22
C ASN B 314 -11.18 7.11 3.24
N THR B 315 -11.86 5.99 3.42
CA THR B 315 -11.61 4.73 2.70
C THR B 315 -12.66 4.43 1.60
N LYS B 316 -13.58 5.37 1.37
CA LYS B 316 -14.74 5.21 0.46
C LYS B 316 -14.41 4.86 -1.02
N ALA B 317 -13.22 5.27 -1.55
CA ALA B 317 -12.86 4.94 -2.95
C ALA B 317 -12.71 3.46 -3.24
N LYS B 318 -12.45 2.67 -2.20
CA LYS B 318 -12.34 1.22 -2.28
C LYS B 318 -13.72 0.60 -2.63
N ASP B 319 -14.83 1.28 -2.23
CA ASP B 319 -16.23 0.81 -2.43
C ASP B 319 -17.01 1.37 -3.63
N LEU B 320 -16.35 2.06 -4.57
CA LEU B 320 -17.01 2.56 -5.77
C LEU B 320 -17.43 1.40 -6.66
N PRO B 321 -18.58 1.45 -7.38
CA PRO B 321 -18.88 0.37 -8.36
C PRO B 321 -17.81 0.37 -9.45
N GLU B 322 -17.64 -0.78 -10.16
CA GLU B 322 -16.70 -0.89 -11.28
C GLU B 322 -17.30 -0.38 -12.58
N VAL B 323 -17.65 0.90 -12.60
CA VAL B 323 -18.23 1.56 -13.77
C VAL B 323 -17.19 2.55 -14.22
N LYS B 324 -16.79 2.51 -15.48
CA LYS B 324 -15.84 3.52 -15.97
C LYS B 324 -16.49 4.92 -15.96
N GLY B 325 -15.79 5.88 -15.37
CA GLY B 325 -16.25 7.26 -15.23
C GLY B 325 -16.90 7.57 -13.89
N ARG B 326 -16.98 6.57 -13.00
CA ARG B 326 -17.62 6.76 -11.70
C ARG B 326 -16.60 7.23 -10.71
N PHE B 327 -16.90 8.36 -10.04
CA PHE B 327 -15.95 8.96 -9.12
C PHE B 327 -16.59 9.40 -7.86
N LEU B 328 -15.74 9.74 -6.88
CA LEU B 328 -16.17 10.36 -5.63
C LEU B 328 -15.67 11.78 -5.66
N PHE B 329 -16.49 12.70 -5.16
CA PHE B 329 -16.22 14.13 -5.07
C PHE B 329 -16.26 14.52 -3.59
N LYS B 330 -15.22 15.20 -3.14
CA LYS B 330 -15.13 15.70 -1.78
C LYS B 330 -14.62 17.15 -1.82
N LEU B 331 -15.32 18.05 -1.15
CA LEU B 331 -14.98 19.45 -0.99
C LEU B 331 -15.15 19.83 0.49
N GLY B 332 -16.35 19.72 1.02
CA GLY B 332 -16.51 19.97 2.43
C GLY B 332 -16.17 18.72 3.24
N ALA B 333 -17.02 18.38 4.18
CA ALA B 333 -16.85 17.19 5.00
C ALA B 333 -17.54 16.00 4.32
N ASP B 334 -18.38 16.30 3.31
CA ASP B 334 -19.19 15.34 2.57
C ASP B 334 -18.51 14.75 1.32
N THR B 335 -18.63 13.41 1.16
CA THR B 335 -18.15 12.65 -0.01
C THR B 335 -19.38 12.26 -0.81
N VAL B 336 -19.37 12.59 -2.10
CA VAL B 336 -20.51 12.36 -2.97
C VAL B 336 -20.08 11.51 -4.15
N GLN B 337 -20.94 10.61 -4.61
CA GLN B 337 -20.67 9.79 -5.78
C GLN B 337 -21.27 10.48 -7.02
N PHE B 338 -20.55 10.46 -8.14
CA PHE B 338 -21.00 11.05 -9.40
C PHE B 338 -20.44 10.37 -10.62
N GLN B 339 -21.10 10.54 -11.76
CA GLN B 339 -20.64 10.05 -13.04
C GLN B 339 -20.06 11.23 -13.76
N ALA B 340 -18.77 11.16 -14.06
CA ALA B 340 -18.05 12.20 -14.76
C ALA B 340 -18.45 12.24 -16.22
N PHE B 341 -18.37 13.43 -16.85
CA PHE B 341 -18.67 13.56 -18.26
C PHE B 341 -17.60 12.86 -19.09
N TYR B 342 -18.02 12.21 -20.17
CA TYR B 342 -17.04 11.68 -21.10
C TYR B 342 -16.75 12.75 -22.16
N PHE B 343 -15.56 13.34 -22.07
CA PHE B 343 -15.07 14.40 -22.96
C PHE B 343 -14.10 13.75 -23.92
N ASP B 344 -14.44 13.79 -25.22
CA ASP B 344 -13.61 13.18 -26.26
C ASP B 344 -12.95 14.28 -27.07
N ASP B 345 -11.61 14.32 -27.08
CA ASP B 345 -10.79 15.32 -27.78
C ASP B 345 -11.18 15.57 -29.22
N ASP B 346 -11.44 14.49 -29.99
CA ASP B 346 -11.80 14.59 -31.41
C ASP B 346 -13.23 15.07 -31.66
N LYS B 347 -14.13 14.88 -30.71
CA LYS B 347 -15.53 15.31 -30.88
C LYS B 347 -15.78 16.69 -30.25
N HIS B 348 -15.22 16.92 -29.04
CA HIS B 348 -15.54 18.11 -28.27
C HIS B 348 -14.49 19.20 -28.24
N PHE B 349 -13.20 18.90 -28.49
CA PHE B 349 -12.18 19.93 -28.43
C PHE B 349 -12.03 20.63 -29.78
N ILE B 350 -12.58 21.86 -29.89
CA ILE B 350 -12.54 22.63 -31.14
C ILE B 350 -11.77 23.93 -30.90
N PRO B 351 -10.44 23.93 -31.17
CA PRO B 351 -9.61 25.13 -30.86
C PRO B 351 -10.10 26.44 -31.45
N ASN B 352 -10.65 26.40 -32.67
CA ASN B 352 -11.16 27.55 -33.39
C ASN B 352 -12.20 28.35 -32.61
N LYS B 353 -13.06 27.63 -31.85
CA LYS B 353 -14.10 28.21 -31.01
C LYS B 353 -13.48 29.06 -29.92
N ILE B 354 -12.34 28.60 -29.39
CA ILE B 354 -11.60 29.29 -28.32
C ILE B 354 -10.89 30.55 -28.83
N LEU B 355 -10.23 30.45 -29.99
CA LEU B 355 -9.51 31.60 -30.56
C LEU B 355 -10.49 32.75 -30.86
N LYS B 356 -11.74 32.43 -31.23
CA LYS B 356 -12.76 33.44 -31.53
C LYS B 356 -13.31 34.15 -30.27
N LEU B 357 -13.58 33.41 -29.18
CA LEU B 357 -14.09 33.99 -27.93
C LEU B 357 -12.99 34.65 -27.08
N ARG B 358 -11.71 34.55 -27.53
CA ARG B 358 -10.43 35.01 -26.91
C ARG B 358 -9.90 33.99 -25.89
#